data_3VGJ
#
_entry.id   3VGJ
#
_cell.length_a   137.560
_cell.length_b   46.500
_cell.length_c   141.350
_cell.angle_alpha   90.00
_cell.angle_beta   93.75
_cell.angle_gamma   90.00
#
_symmetry.space_group_name_H-M   'C 1 2 1'
#
loop_
_entity.id
_entity.type
_entity.pdbx_description
1 polymer 'Tyrosyl-tRNA synthetase, putative'
2 non-polymer TYROSINE
3 non-polymer 'ADENOSINE MONOPHOSPHATE'
4 water water
#
_entity_poly.entity_id   1
_entity_poly.type   'polypeptide(L)'
_entity_poly.pdbx_seq_one_letter_code
;METTDTKREEQEIEEKKAQEESKIEDVDKILNDILSISSECIQPDELRVKLLLKRKLICYDGFEPSGRMHIAQGLLKSII
VNKLTSNGCTFIFWIADWFAHLNNKMSGDLKKIKKVGSYFIEVWKSCGMNMENVQFLWASEEINKKPNEYWSLVLDISRS
FNINRMKRCLKIMGRSEGEENYCSQILYPCMQCADIFFLNVDICQLGIDQRKVNMLAREYCDIKKIKKKPVILSHGMLPG
LLEGQEKMSKSDENSAIFMDDSESDVNRKIKKAYCPPNVIENNPIYAYAKSIIFPSYNEFNLVRKEKNGGDKTYYTLQEL
EHDYVNGFIHPLDLKDNVAMYINKLLQPVRDHFQNNIEAKNLLNEIKKYKVTK
;
_entity_poly.pdbx_strand_id   A,B
#
loop_
_chem_comp.id
_chem_comp.type
_chem_comp.name
_chem_comp.formula
AMP non-polymer 'ADENOSINE MONOPHOSPHATE' 'C10 H14 N5 O7 P'
#
# COMPACT_ATOMS: atom_id res chain seq x y z
N GLU A 20 2.47 2.23 -49.64
CA GLU A 20 3.25 1.35 -48.78
C GLU A 20 4.55 2.04 -48.33
N GLU A 21 5.37 2.42 -49.31
CA GLU A 21 6.63 3.12 -49.03
C GLU A 21 6.40 4.40 -48.25
N SER A 22 5.50 5.25 -48.74
CA SER A 22 5.17 6.50 -48.08
C SER A 22 4.75 6.26 -46.64
N LYS A 23 4.07 5.13 -46.40
CA LYS A 23 3.68 4.77 -45.03
C LYS A 23 4.90 4.59 -44.15
N ILE A 24 5.85 3.79 -44.60
CA ILE A 24 7.10 3.57 -43.87
C ILE A 24 7.89 4.88 -43.75
N GLU A 25 7.74 5.74 -44.74
CA GLU A 25 8.33 7.07 -44.68
C GLU A 25 7.62 7.89 -43.60
N ASP A 26 6.30 7.85 -43.61
CA ASP A 26 5.51 8.54 -42.59
C ASP A 26 5.97 8.12 -41.19
N VAL A 27 5.84 6.82 -40.90
CA VAL A 27 6.22 6.28 -39.60
C VAL A 27 7.67 6.59 -39.23
N ASP A 28 8.54 6.64 -40.23
CA ASP A 28 9.95 6.90 -40.02
C ASP A 28 10.17 8.33 -39.55
N LYS A 29 9.68 9.29 -40.33
CA LYS A 29 9.77 10.69 -39.94
C LYS A 29 9.24 10.88 -38.52
N ILE A 30 7.99 10.49 -38.30
CA ILE A 30 7.39 10.49 -36.97
C ILE A 30 8.39 9.97 -35.94
N LEU A 31 8.88 8.75 -36.15
CA LEU A 31 9.84 8.12 -35.24
C LEU A 31 11.07 9.00 -35.03
N ASN A 32 11.43 9.76 -36.05
CA ASN A 32 12.56 10.67 -35.94
C ASN A 32 12.18 11.90 -35.13
N ASP A 33 10.94 12.35 -35.28
CA ASP A 33 10.43 13.47 -34.50
C ASP A 33 10.44 13.08 -33.02
N ILE A 34 9.73 12.00 -32.70
CA ILE A 34 9.66 11.50 -31.34
C ILE A 34 11.05 11.34 -30.71
N LEU A 35 11.96 10.67 -31.42
CA LEU A 35 13.27 10.34 -30.86
C LEU A 35 14.17 11.55 -30.60
N SER A 36 14.05 12.57 -31.44
CA SER A 36 14.94 13.74 -31.37
C SER A 36 14.80 14.52 -30.08
N ILE A 37 13.56 14.61 -29.59
CA ILE A 37 13.29 15.24 -28.31
C ILE A 37 14.12 14.57 -27.23
N SER A 38 13.91 13.27 -27.11
CA SER A 38 14.36 12.49 -25.97
C SER A 38 15.84 12.62 -25.62
N SER A 39 16.10 12.55 -24.31
CA SER A 39 17.43 12.35 -23.77
C SER A 39 17.81 10.87 -23.90
N GLU A 40 16.81 9.99 -23.79
CA GLU A 40 17.03 8.56 -23.82
C GLU A 40 15.72 7.81 -24.06
N CYS A 41 15.73 6.92 -25.05
CA CYS A 41 14.52 6.18 -25.42
C CYS A 41 14.74 4.68 -25.31
N ILE A 42 13.88 4.03 -24.52
CA ILE A 42 13.95 2.59 -24.34
C ILE A 42 12.64 1.95 -24.76
N GLN A 43 12.61 1.29 -25.93
CA GLN A 43 13.71 1.22 -26.89
C GLN A 43 13.24 1.72 -28.26
N PRO A 44 14.17 2.26 -29.06
CA PRO A 44 13.76 2.89 -30.33
C PRO A 44 12.96 1.93 -31.22
N ASP A 45 13.43 0.70 -31.35
CA ASP A 45 12.74 -0.27 -32.20
C ASP A 45 11.29 -0.49 -31.76
N GLU A 46 11.07 -0.55 -30.45
CA GLU A 46 9.75 -0.80 -29.92
C GLU A 46 8.82 0.35 -30.27
N LEU A 47 9.40 1.55 -30.29
CA LEU A 47 8.65 2.74 -30.65
C LEU A 47 8.12 2.63 -32.06
N ARG A 48 8.96 2.19 -32.99
CA ARG A 48 8.50 1.98 -34.36
C ARG A 48 7.33 0.99 -34.39
N VAL A 49 7.52 -0.15 -33.74
CA VAL A 49 6.46 -1.16 -33.68
C VAL A 49 5.17 -0.59 -33.14
N LYS A 50 5.31 0.33 -32.18
CA LYS A 50 4.17 0.94 -31.53
C LYS A 50 3.39 1.80 -32.54
N LEU A 51 4.13 2.53 -33.37
CA LEU A 51 3.54 3.43 -34.36
C LEU A 51 2.84 2.68 -35.49
N LEU A 52 3.48 1.63 -35.97
CA LEU A 52 2.86 0.82 -37.01
C LEU A 52 1.55 0.24 -36.48
N LEU A 53 1.50 -0.02 -35.18
CA LEU A 53 0.36 -0.72 -34.57
C LEU A 53 -0.80 0.24 -34.27
N LYS A 54 -0.46 1.50 -33.98
CA LYS A 54 -1.43 2.50 -33.59
C LYS A 54 -0.82 3.87 -33.90
N ARG A 55 -1.61 4.75 -34.52
CA ARG A 55 -1.12 6.10 -34.77
C ARG A 55 -1.41 6.95 -33.55
N LYS A 56 -2.49 6.62 -32.86
CA LYS A 56 -2.87 7.33 -31.64
C LYS A 56 -2.27 6.65 -30.42
N LEU A 57 -0.98 6.89 -30.20
CA LEU A 57 -0.33 6.45 -28.98
C LEU A 57 -0.75 7.30 -27.80
N ILE A 58 -0.78 6.66 -26.64
CA ILE A 58 -1.01 7.38 -25.39
C ILE A 58 0.31 7.68 -24.72
N CYS A 59 0.62 8.96 -24.58
CA CYS A 59 1.81 9.36 -23.84
C CYS A 59 1.36 9.99 -22.53
N TYR A 60 2.16 9.88 -21.47
CA TYR A 60 1.84 10.63 -20.26
C TYR A 60 3.04 11.16 -19.48
N ASP A 61 2.80 12.21 -18.70
CA ASP A 61 3.75 12.72 -17.72
C ASP A 61 2.87 13.02 -16.49
N GLY A 62 3.50 13.11 -15.33
CA GLY A 62 2.77 13.17 -14.09
C GLY A 62 3.43 14.17 -13.18
N PHE A 63 2.61 14.88 -12.43
CA PHE A 63 3.08 16.00 -11.64
C PHE A 63 2.51 16.00 -10.24
N GLU A 64 3.37 16.04 -9.24
CA GLU A 64 2.92 16.32 -7.88
C GLU A 64 2.57 17.79 -7.76
N PRO A 65 1.30 18.11 -7.37
CA PRO A 65 0.95 19.50 -7.17
C PRO A 65 1.49 19.98 -5.84
N SER A 66 2.78 20.28 -5.80
CA SER A 66 3.47 20.50 -4.53
C SER A 66 3.96 21.93 -4.38
N GLY A 67 3.59 22.79 -5.32
CA GLY A 67 3.99 24.18 -5.30
C GLY A 67 3.88 24.83 -6.68
N ARG A 68 4.41 26.04 -6.79
CA ARG A 68 4.40 26.72 -8.08
C ARG A 68 5.12 25.86 -9.10
N MET A 69 4.69 25.98 -10.36
CA MET A 69 5.28 25.21 -11.45
C MET A 69 6.51 25.94 -12.01
N HIS A 70 7.66 25.28 -12.05
CA HIS A 70 8.83 25.93 -12.66
C HIS A 70 8.89 25.72 -14.17
N ILE A 71 9.77 26.46 -14.84
CA ILE A 71 9.73 26.54 -16.30
C ILE A 71 9.97 25.20 -17.02
N ALA A 72 10.64 24.26 -16.37
CA ALA A 72 10.83 22.95 -16.99
C ALA A 72 9.48 22.26 -17.25
N GLN A 73 8.55 22.42 -16.31
CA GLN A 73 7.27 21.71 -16.36
C GLN A 73 6.24 22.42 -17.25
N GLY A 74 6.57 23.63 -17.67
CA GLY A 74 5.72 24.41 -18.55
C GLY A 74 6.34 24.64 -19.91
N LEU A 75 7.33 25.53 -19.98
CA LEU A 75 7.92 25.91 -21.25
C LEU A 75 8.63 24.73 -21.92
N LEU A 76 9.44 24.02 -21.14
CA LEU A 76 10.14 22.86 -21.69
C LEU A 76 9.11 21.77 -22.04
N LYS A 77 8.18 21.52 -21.12
CA LYS A 77 7.16 20.49 -21.35
C LYS A 77 6.41 20.67 -22.69
N SER A 78 6.03 21.91 -22.96
CA SER A 78 5.26 22.27 -24.15
C SER A 78 5.93 21.85 -25.46
N ILE A 79 7.25 21.98 -25.50
CA ILE A 79 8.00 21.67 -26.70
C ILE A 79 7.85 20.20 -27.07
N ILE A 80 8.04 19.33 -26.09
CA ILE A 80 7.87 17.90 -26.27
C ILE A 80 6.42 17.50 -26.56
N VAL A 81 5.48 18.04 -25.78
CA VAL A 81 4.08 17.64 -25.89
C VAL A 81 3.56 17.95 -27.30
N ASN A 82 3.81 19.16 -27.78
CA ASN A 82 3.31 19.58 -29.09
C ASN A 82 3.92 18.77 -30.23
N LYS A 83 5.19 18.41 -30.09
CA LYS A 83 5.82 17.56 -31.09
C LYS A 83 5.14 16.20 -31.12
N LEU A 84 4.74 15.69 -29.96
CA LEU A 84 4.12 14.37 -29.90
C LEU A 84 2.67 14.37 -30.36
N THR A 85 1.88 15.33 -29.90
CA THR A 85 0.48 15.38 -30.26
C THR A 85 0.27 15.72 -31.74
N SER A 86 1.13 16.54 -32.31
CA SER A 86 0.96 16.95 -33.71
C SER A 86 1.03 15.75 -34.64
N ASN A 87 1.59 14.65 -34.12
CA ASN A 87 1.69 13.39 -34.85
C ASN A 87 0.51 12.46 -34.58
N GLY A 88 -0.49 12.96 -33.86
CA GLY A 88 -1.70 12.18 -33.63
C GLY A 88 -1.73 11.49 -32.28
N CYS A 89 -0.67 11.68 -31.48
CA CYS A 89 -0.63 11.14 -30.13
C CYS A 89 -1.56 11.91 -29.20
N THR A 90 -2.06 11.20 -28.20
CA THR A 90 -2.77 11.84 -27.12
C THR A 90 -1.78 11.92 -25.97
N PHE A 91 -1.78 13.05 -25.26
CA PHE A 91 -0.88 13.26 -24.14
C PHE A 91 -1.67 13.55 -22.87
N ILE A 92 -1.53 12.64 -21.91
CA ILE A 92 -2.19 12.76 -20.62
C ILE A 92 -1.29 13.51 -19.63
N PHE A 93 -1.84 14.54 -19.00
CA PHE A 93 -1.20 15.17 -17.87
C PHE A 93 -1.83 14.59 -16.60
N TRP A 94 -1.04 13.86 -15.82
CA TRP A 94 -1.53 13.14 -14.67
C TRP A 94 -1.28 14.01 -13.47
N ILE A 95 -2.36 14.58 -12.94
CA ILE A 95 -2.25 15.47 -11.79
C ILE A 95 -2.20 14.59 -10.56
N ALA A 96 -0.99 14.37 -10.07
CA ALA A 96 -0.74 13.33 -9.09
C ALA A 96 -1.06 13.81 -7.68
N ASP A 97 -2.34 14.10 -7.43
CA ASP A 97 -2.74 14.74 -6.18
C ASP A 97 -2.53 13.84 -4.95
N TRP A 98 -2.92 12.58 -5.06
CA TRP A 98 -2.77 11.64 -3.98
C TRP A 98 -1.29 11.34 -3.75
N PHE A 99 -0.52 11.38 -4.83
CA PHE A 99 0.92 11.20 -4.73
C PHE A 99 1.57 12.35 -3.98
N ALA A 100 1.21 13.57 -4.33
CA ALA A 100 1.72 14.72 -3.59
C ALA A 100 1.43 14.58 -2.07
N HIS A 101 0.20 14.18 -1.75
CA HIS A 101 -0.21 13.99 -0.37
C HIS A 101 0.57 12.87 0.30
N LEU A 102 0.71 11.75 -0.40
CA LEU A 102 1.48 10.63 0.11
C LEU A 102 2.92 11.04 0.43
N ASN A 103 3.44 11.94 -0.39
CA ASN A 103 4.84 12.37 -0.30
C ASN A 103 4.97 13.63 0.57
N ASN A 104 3.95 13.92 1.38
CA ASN A 104 3.98 15.01 2.37
C ASN A 104 4.13 16.44 1.82
N LYS A 105 3.64 16.68 0.61
CA LYS A 105 3.76 18.01 0.02
C LYS A 105 2.62 18.90 0.50
N MET A 106 2.83 20.21 0.46
CA MET A 106 1.81 21.17 0.90
C MET A 106 1.26 20.83 2.28
N SER A 107 2.12 20.37 3.19
CA SER A 107 1.69 19.97 4.53
C SER A 107 0.64 18.87 4.52
N GLY A 108 0.59 18.11 3.42
CA GLY A 108 -0.36 17.01 3.28
C GLY A 108 -1.81 17.44 3.22
N ASP A 109 -2.02 18.70 2.82
CA ASP A 109 -3.35 19.29 2.76
C ASP A 109 -3.95 19.06 1.37
N LEU A 110 -4.88 18.12 1.28
CA LEU A 110 -5.49 17.76 0.02
C LEU A 110 -6.14 18.96 -0.66
N LYS A 111 -6.70 19.85 0.14
CA LYS A 111 -7.37 21.02 -0.42
C LYS A 111 -6.38 21.94 -1.12
N LYS A 112 -5.20 22.10 -0.54
CA LYS A 112 -4.17 22.93 -1.13
C LYS A 112 -3.63 22.25 -2.39
N ILE A 113 -3.41 20.95 -2.29
CA ILE A 113 -2.89 20.19 -3.41
C ILE A 113 -3.82 20.35 -4.62
N LYS A 114 -5.12 20.20 -4.38
CA LYS A 114 -6.12 20.37 -5.42
C LYS A 114 -6.07 21.76 -6.05
N LYS A 115 -5.92 22.78 -5.20
CA LYS A 115 -5.86 24.15 -5.69
C LYS A 115 -4.64 24.33 -6.59
N VAL A 116 -3.51 23.79 -6.16
CA VAL A 116 -2.32 23.80 -7.00
C VAL A 116 -2.58 23.07 -8.32
N GLY A 117 -3.28 21.94 -8.25
CA GLY A 117 -3.56 21.17 -9.45
C GLY A 117 -4.35 22.01 -10.44
N SER A 118 -5.33 22.73 -9.93
CA SER A 118 -6.15 23.59 -10.76
C SER A 118 -5.31 24.70 -11.38
N TYR A 119 -4.38 25.25 -10.61
CA TYR A 119 -3.50 26.28 -11.12
C TYR A 119 -2.57 25.71 -12.22
N PHE A 120 -2.12 24.46 -12.05
CA PHE A 120 -1.27 23.81 -13.07
C PHE A 120 -1.96 23.79 -14.42
N ILE A 121 -3.22 23.38 -14.41
CA ILE A 121 -4.01 23.32 -15.63
C ILE A 121 -4.15 24.69 -16.30
N GLU A 122 -4.32 25.75 -15.49
CA GLU A 122 -4.42 27.09 -16.06
C GLU A 122 -3.11 27.49 -16.70
N VAL A 123 -1.99 27.14 -16.05
CA VAL A 123 -0.69 27.42 -16.64
C VAL A 123 -0.54 26.67 -17.96
N TRP A 124 -0.85 25.38 -17.94
CA TRP A 124 -0.64 24.56 -19.13
C TRP A 124 -1.50 25.00 -20.31
N LYS A 125 -2.76 25.30 -20.05
CA LYS A 125 -3.63 25.75 -21.14
C LYS A 125 -3.15 27.08 -21.74
N SER A 126 -2.41 27.87 -20.96
CA SER A 126 -1.99 29.18 -21.48
C SER A 126 -0.58 29.19 -22.07
N CYS A 127 0.16 28.09 -21.88
CA CYS A 127 1.50 28.05 -22.43
C CYS A 127 1.66 27.01 -23.56
N GLY A 128 0.56 26.67 -24.22
CA GLY A 128 0.66 25.93 -25.48
C GLY A 128 0.00 24.57 -25.45
N MET A 129 -0.86 24.35 -24.48
CA MET A 129 -1.45 23.02 -24.33
C MET A 129 -2.93 23.06 -24.03
N ASN A 130 -3.57 24.10 -24.57
CA ASN A 130 -5.01 24.11 -24.73
C ASN A 130 -5.30 23.49 -26.08
N MET A 131 -5.56 22.18 -26.08
CA MET A 131 -5.71 21.44 -27.30
C MET A 131 -6.48 20.13 -27.08
N GLU A 132 -7.10 19.66 -28.15
CA GLU A 132 -7.91 18.46 -28.10
C GLU A 132 -7.11 17.22 -27.68
N ASN A 133 -5.88 17.12 -28.14
CA ASN A 133 -5.13 15.90 -27.91
C ASN A 133 -4.43 15.83 -26.55
N VAL A 134 -4.66 16.82 -25.69
CA VAL A 134 -4.09 16.80 -24.35
C VAL A 134 -5.19 16.53 -23.33
N GLN A 135 -4.93 15.68 -22.35
CA GLN A 135 -5.94 15.43 -21.33
C GLN A 135 -5.35 15.74 -19.97
N PHE A 136 -6.14 16.42 -19.15
CA PHE A 136 -5.76 16.65 -17.76
C PHE A 136 -6.54 15.69 -16.86
N LEU A 137 -5.83 14.71 -16.29
CA LEU A 137 -6.46 13.67 -15.47
C LEU A 137 -6.00 13.73 -14.02
N TRP A 138 -6.96 13.67 -13.10
CA TRP A 138 -6.62 13.71 -11.68
C TRP A 138 -6.49 12.29 -11.15
N ALA A 139 -5.40 12.02 -10.43
CA ALA A 139 -5.16 10.67 -9.94
C ALA A 139 -6.31 10.23 -9.02
N SER A 140 -6.60 11.03 -8.00
CA SER A 140 -7.71 10.71 -7.10
C SER A 140 -8.99 10.31 -7.84
N GLU A 141 -9.40 11.11 -8.82
CA GLU A 141 -10.66 10.87 -9.56
C GLU A 141 -10.60 9.57 -10.33
N GLU A 142 -9.54 9.41 -11.10
CA GLU A 142 -9.42 8.27 -11.99
C GLU A 142 -9.26 6.97 -11.20
N ILE A 143 -8.44 6.98 -10.16
CA ILE A 143 -8.31 5.80 -9.34
C ILE A 143 -9.68 5.42 -8.81
N ASN A 144 -10.46 6.41 -8.41
CA ASN A 144 -11.73 6.12 -7.75
C ASN A 144 -12.89 5.73 -8.68
N LYS A 145 -12.69 5.89 -9.99
CA LYS A 145 -13.64 5.32 -10.96
C LYS A 145 -13.49 3.80 -11.05
N LYS A 146 -12.27 3.28 -10.90
CA LYS A 146 -12.07 1.83 -10.94
C LYS A 146 -11.10 1.34 -9.87
N PRO A 147 -11.48 1.53 -8.59
CA PRO A 147 -10.59 1.28 -7.46
C PRO A 147 -10.18 -0.19 -7.33
N ASN A 148 -11.09 -1.11 -7.63
CA ASN A 148 -10.76 -2.53 -7.50
C ASN A 148 -9.63 -2.90 -8.45
N GLU A 149 -9.81 -2.52 -9.71
CA GLU A 149 -8.77 -2.71 -10.71
C GLU A 149 -7.46 -1.99 -10.35
N TYR A 150 -7.54 -0.73 -9.97
CA TYR A 150 -6.30 0.00 -9.67
C TYR A 150 -5.52 -0.65 -8.55
N TRP A 151 -6.22 -0.87 -7.43
CA TRP A 151 -5.57 -1.37 -6.22
C TRP A 151 -5.15 -2.82 -6.36
N SER A 152 -5.95 -3.61 -7.08
CA SER A 152 -5.53 -4.97 -7.37
C SER A 152 -4.17 -4.98 -8.06
N LEU A 153 -3.98 -4.02 -8.97
CA LEU A 153 -2.72 -3.90 -9.71
C LEU A 153 -1.57 -3.48 -8.77
N VAL A 154 -1.84 -2.49 -7.94
CA VAL A 154 -0.85 -2.03 -6.98
C VAL A 154 -0.40 -3.19 -6.09
N LEU A 155 -1.36 -3.96 -5.59
CA LEU A 155 -1.04 -5.14 -4.78
C LEU A 155 -0.20 -6.17 -5.54
N ASP A 156 -0.61 -6.49 -6.76
CA ASP A 156 0.11 -7.49 -7.55
C ASP A 156 1.53 -7.06 -7.88
N ILE A 157 1.72 -5.77 -8.14
CA ILE A 157 3.07 -5.22 -8.30
C ILE A 157 3.90 -5.36 -7.02
N SER A 158 3.27 -5.18 -5.87
CA SER A 158 4.01 -5.23 -4.62
C SER A 158 4.53 -6.63 -4.33
N ARG A 159 3.78 -7.65 -4.77
CA ARG A 159 4.19 -9.01 -4.49
C ARG A 159 5.21 -9.50 -5.51
N SER A 160 5.54 -8.65 -6.47
CA SER A 160 6.48 -9.00 -7.54
C SER A 160 7.92 -8.49 -7.31
N PHE A 161 8.11 -7.55 -6.40
CA PHE A 161 9.44 -6.97 -6.20
C PHE A 161 9.76 -6.90 -4.72
N ASN A 162 11.02 -7.12 -4.37
CA ASN A 162 11.43 -7.02 -2.98
C ASN A 162 11.73 -5.58 -2.59
N ILE A 163 11.81 -5.34 -1.28
CA ILE A 163 11.99 -4.00 -0.75
C ILE A 163 13.21 -3.27 -1.31
N ASN A 164 14.35 -3.96 -1.38
CA ASN A 164 15.58 -3.37 -1.91
CA ASN A 164 15.57 -3.34 -1.90
C ASN A 164 15.42 -2.90 -3.36
N ARG A 165 14.76 -3.72 -4.15
CA ARG A 165 14.54 -3.39 -5.55
C ARG A 165 13.71 -2.13 -5.61
N MET A 166 12.69 -2.07 -4.77
CA MET A 166 11.76 -0.95 -4.79
C MET A 166 12.40 0.35 -4.27
N LYS A 167 13.26 0.23 -3.26
CA LYS A 167 13.95 1.40 -2.73
C LYS A 167 14.91 1.98 -3.76
N ARG A 168 15.21 1.22 -4.80
CA ARG A 168 15.94 1.75 -5.95
C ARG A 168 15.14 2.84 -6.68
N CYS A 169 13.83 2.94 -6.44
CA CYS A 169 13.01 3.97 -7.10
C CYS A 169 12.83 5.25 -6.31
N LEU A 170 13.63 5.42 -5.25
CA LEU A 170 13.41 6.49 -4.28
C LEU A 170 13.51 7.90 -4.89
N LYS A 171 14.31 8.02 -5.94
CA LYS A 171 14.57 9.30 -6.59
C LYS A 171 13.34 9.82 -7.32
N ILE A 172 12.44 8.92 -7.71
CA ILE A 172 11.23 9.38 -8.40
C ILE A 172 10.38 10.30 -7.51
N MET A 173 10.61 10.26 -6.19
CA MET A 173 9.89 11.15 -5.30
C MET A 173 10.81 12.12 -4.57
N GLY A 174 12.01 12.29 -5.10
CA GLY A 174 12.97 13.21 -4.54
C GLY A 174 13.54 12.77 -3.20
N ARG A 175 13.50 11.46 -2.94
CA ARG A 175 14.00 10.95 -1.67
C ARG A 175 15.26 10.10 -1.86
N SER A 176 15.95 9.77 -0.77
CA SER A 176 17.15 8.96 -0.86
C SER A 176 17.24 7.88 0.23
N GLU A 177 18.15 6.94 0.03
CA GLU A 177 18.43 5.90 1.00
C GLU A 177 18.87 6.54 2.31
N GLY A 178 19.60 7.64 2.19
CA GLY A 178 20.19 8.33 3.33
C GLY A 178 19.20 8.68 4.41
N GLU A 179 18.03 9.16 4.01
CA GLU A 179 17.04 9.62 4.99
C GLU A 179 16.19 8.49 5.54
N GLU A 180 15.44 8.81 6.58
CA GLU A 180 14.51 7.86 7.15
C GLU A 180 13.52 7.46 6.06
N ASN A 181 13.34 6.16 5.90
CA ASN A 181 12.48 5.66 4.83
C ASN A 181 11.14 5.15 5.36
N TYR A 182 10.08 5.93 5.15
CA TYR A 182 8.73 5.55 5.57
C TYR A 182 8.10 4.60 4.57
N CYS A 183 7.10 3.85 5.02
CA CYS A 183 6.47 2.84 4.17
C CYS A 183 5.80 3.45 2.96
N SER A 184 5.43 4.72 3.08
CA SER A 184 4.86 5.48 1.99
C SER A 184 5.78 5.48 0.77
N GLN A 185 7.09 5.33 1.03
CA GLN A 185 8.09 5.37 -0.01
C GLN A 185 8.19 4.04 -0.76
N ILE A 186 7.57 3.00 -0.20
CA ILE A 186 7.39 1.73 -0.90
C ILE A 186 6.09 1.77 -1.69
N LEU A 187 5.01 2.28 -1.09
CA LEU A 187 3.72 2.27 -1.78
C LEU A 187 3.71 3.16 -3.00
N TYR A 188 4.31 4.34 -2.87
CA TYR A 188 4.28 5.36 -3.91
C TYR A 188 4.76 4.81 -5.27
N PRO A 189 5.94 4.18 -5.31
CA PRO A 189 6.43 3.57 -6.56
C PRO A 189 5.53 2.44 -7.05
N CYS A 190 4.93 1.67 -6.15
CA CYS A 190 3.99 0.65 -6.60
C CYS A 190 2.85 1.35 -7.33
N MET A 191 2.34 2.43 -6.76
CA MET A 191 1.24 3.17 -7.38
C MET A 191 1.66 3.84 -8.69
N GLN A 192 2.84 4.46 -8.71
CA GLN A 192 3.27 5.09 -9.97
C GLN A 192 3.44 4.02 -11.05
N CYS A 193 3.96 2.86 -10.68
CA CYS A 193 4.08 1.76 -11.63
C CYS A 193 2.70 1.27 -12.09
N ALA A 194 1.77 1.13 -11.15
CA ALA A 194 0.40 0.76 -11.51
C ALA A 194 -0.22 1.75 -12.51
N ASP A 195 0.08 3.03 -12.35
CA ASP A 195 -0.52 4.07 -13.20
C ASP A 195 -0.23 3.80 -14.68
N ILE A 196 0.99 3.35 -14.95
CA ILE A 196 1.44 3.12 -16.31
C ILE A 196 0.48 2.17 -17.02
N PHE A 197 0.13 1.06 -16.38
CA PHE A 197 -0.82 0.11 -16.95
C PHE A 197 -2.26 0.61 -16.86
N PHE A 198 -2.63 1.14 -15.71
CA PHE A 198 -3.99 1.63 -15.47
C PHE A 198 -4.43 2.65 -16.53
N LEU A 199 -3.53 3.52 -16.96
CA LEU A 199 -3.86 4.49 -18.01
C LEU A 199 -3.60 3.97 -19.43
N ASN A 200 -3.22 2.70 -19.54
CA ASN A 200 -2.90 2.11 -20.85
C ASN A 200 -1.87 2.94 -21.61
N VAL A 201 -0.85 3.39 -20.89
CA VAL A 201 0.23 4.18 -21.48
C VAL A 201 1.05 3.40 -22.53
N ASP A 202 1.30 4.05 -23.67
CA ASP A 202 2.20 3.53 -24.70
C ASP A 202 3.61 4.07 -24.53
N ILE A 203 3.70 5.34 -24.12
CA ILE A 203 4.98 6.00 -23.94
C ILE A 203 5.00 6.76 -22.62
N CYS A 204 5.88 6.34 -21.71
CA CYS A 204 6.14 7.13 -20.52
C CYS A 204 7.07 8.28 -20.91
N GLN A 205 6.57 9.51 -20.89
CA GLN A 205 7.36 10.67 -21.24
C GLN A 205 7.63 11.57 -20.03
N LEU A 206 8.58 11.14 -19.21
CA LEU A 206 8.91 11.78 -17.94
C LEU A 206 10.37 12.20 -17.94
N GLY A 207 10.78 12.99 -16.95
CA GLY A 207 12.18 13.33 -16.81
C GLY A 207 13.01 12.08 -16.51
N ILE A 208 14.32 12.17 -16.74
CA ILE A 208 15.18 11.03 -16.50
C ILE A 208 15.17 10.62 -15.01
N ASP A 209 14.81 11.55 -14.14
CA ASP A 209 14.79 11.30 -12.70
C ASP A 209 13.68 10.32 -12.33
N GLN A 210 12.79 10.03 -13.27
CA GLN A 210 11.67 9.12 -13.02
C GLN A 210 11.91 7.75 -13.64
N ARG A 211 13.12 7.53 -14.16
CA ARG A 211 13.32 6.41 -15.05
C ARG A 211 13.25 5.05 -14.35
N LYS A 212 13.66 5.00 -13.10
CA LYS A 212 13.73 3.74 -12.37
C LYS A 212 12.38 3.08 -12.21
N VAL A 213 11.34 3.87 -12.04
CA VAL A 213 10.03 3.24 -11.84
C VAL A 213 9.48 2.85 -13.19
N ASN A 214 9.86 3.60 -14.22
CA ASN A 214 9.54 3.22 -15.59
C ASN A 214 10.22 1.91 -16.02
N MET A 215 11.46 1.71 -15.58
CA MET A 215 12.15 0.45 -15.85
C MET A 215 11.47 -0.65 -15.07
N LEU A 216 10.95 -0.30 -13.90
CA LEU A 216 10.28 -1.27 -13.04
C LEU A 216 9.07 -1.86 -13.77
N ALA A 217 8.32 -0.99 -14.44
CA ALA A 217 7.14 -1.40 -15.16
C ALA A 217 7.51 -2.38 -16.27
N ARG A 218 8.62 -2.11 -16.95
CA ARG A 218 9.02 -2.97 -18.05
C ARG A 218 9.41 -4.34 -17.52
N GLU A 219 10.05 -4.34 -16.35
CA GLU A 219 10.42 -5.55 -15.62
C GLU A 219 9.17 -6.31 -15.17
N TYR A 220 8.15 -5.58 -14.77
CA TYR A 220 6.88 -6.21 -14.37
C TYR A 220 6.22 -6.94 -15.55
N CYS A 221 6.27 -6.33 -16.74
CA CYS A 221 5.74 -6.97 -17.95
C CYS A 221 6.40 -8.29 -18.19
N ASP A 222 7.74 -8.32 -18.16
CA ASP A 222 8.46 -9.58 -18.38
C ASP A 222 8.06 -10.63 -17.35
N ILE A 223 8.01 -10.23 -16.09
CA ILE A 223 7.60 -11.12 -15.02
C ILE A 223 6.22 -11.69 -15.27
N LYS A 224 5.32 -10.84 -15.77
CA LYS A 224 3.93 -11.25 -15.92
C LYS A 224 3.65 -11.77 -17.32
N LYS A 225 4.66 -11.73 -18.18
CA LYS A 225 4.53 -12.13 -19.57
C LYS A 225 3.54 -11.23 -20.29
N ILE A 226 3.58 -9.94 -19.98
CA ILE A 226 2.77 -8.96 -20.68
C ILE A 226 3.53 -8.51 -21.92
N LYS A 227 2.95 -8.73 -23.10
CA LYS A 227 3.65 -8.39 -24.33
C LYS A 227 3.56 -6.90 -24.67
N LYS A 228 2.45 -6.26 -24.31
CA LYS A 228 2.30 -4.81 -24.50
C LYS A 228 3.06 -4.09 -23.39
N LYS A 229 4.13 -3.42 -23.79
CA LYS A 229 5.16 -2.96 -22.88
C LYS A 229 5.41 -1.49 -23.17
N PRO A 230 5.54 -0.67 -22.10
CA PRO A 230 5.65 0.75 -22.43
C PRO A 230 7.04 1.14 -22.90
N VAL A 231 7.08 2.15 -23.77
CA VAL A 231 8.34 2.75 -24.17
C VAL A 231 8.66 3.90 -23.23
N ILE A 232 9.92 3.98 -22.79
CA ILE A 232 10.31 5.08 -21.93
C ILE A 232 11.05 6.12 -22.73
N LEU A 233 10.43 7.30 -22.85
CA LEU A 233 11.02 8.40 -23.58
C LEU A 233 11.27 9.50 -22.57
N SER A 234 12.45 9.48 -21.96
CA SER A 234 12.79 10.37 -20.86
C SER A 234 13.44 11.62 -21.40
N HIS A 235 13.06 12.78 -20.87
CA HIS A 235 13.73 14.01 -21.25
C HIS A 235 14.79 14.39 -20.22
N GLY A 236 15.74 15.22 -20.63
CA GLY A 236 16.84 15.63 -19.77
C GLY A 236 16.39 16.62 -18.72
N MET A 237 17.13 16.68 -17.62
CA MET A 237 16.84 17.62 -16.56
C MET A 237 17.31 19.02 -16.96
N LEU A 238 16.47 20.01 -16.67
CA LEU A 238 16.84 21.40 -16.84
C LEU A 238 17.54 21.78 -15.56
N PRO A 239 18.76 22.32 -15.65
CA PRO A 239 19.56 22.71 -14.47
C PRO A 239 18.90 23.84 -13.69
N GLY A 240 19.28 23.99 -12.42
CA GLY A 240 18.81 25.12 -11.64
C GLY A 240 19.69 26.33 -11.82
N LEU A 241 19.22 27.49 -11.36
CA LEU A 241 19.92 28.76 -11.56
C LEU A 241 21.36 28.82 -11.03
N LEU A 242 21.61 28.11 -9.93
CA LEU A 242 22.88 28.26 -9.21
C LEU A 242 23.86 27.10 -9.40
N GLU A 243 25.14 27.38 -9.20
CA GLU A 243 26.22 26.43 -9.49
C GLU A 243 26.05 25.07 -8.81
N GLY A 244 26.26 24.01 -9.58
CA GLY A 244 26.19 22.66 -9.06
C GLY A 244 24.78 22.07 -8.93
N GLN A 245 23.76 22.90 -9.13
CA GLN A 245 22.39 22.42 -9.10
C GLN A 245 22.03 21.84 -10.45
N GLU A 246 22.08 20.51 -10.56
CA GLU A 246 21.87 19.87 -11.85
C GLU A 246 20.41 19.72 -12.26
N LYS A 247 19.50 20.08 -11.34
CA LYS A 247 18.08 19.96 -11.59
C LYS A 247 17.26 21.09 -11.02
N MET A 248 16.64 21.89 -11.86
CA MET A 248 15.72 22.92 -11.37
C MET A 248 14.63 22.23 -10.56
N SER A 249 14.35 22.76 -9.39
CA SER A 249 13.29 22.18 -8.58
C SER A 249 12.90 23.06 -7.42
N LYS A 250 11.74 22.78 -6.86
CA LYS A 250 11.29 23.42 -5.64
C LYS A 250 12.18 23.05 -4.45
N SER A 251 12.79 21.89 -4.51
CA SER A 251 13.61 21.39 -3.41
C SER A 251 15.03 22.01 -3.36
N ASP A 252 15.65 22.18 -4.52
CA ASP A 252 16.92 22.90 -4.60
C ASP A 252 16.66 24.39 -4.40
N GLU A 253 17.26 24.96 -3.36
CA GLU A 253 16.96 26.33 -2.96
C GLU A 253 17.27 27.36 -4.05
N ASN A 254 16.32 28.27 -4.29
CA ASN A 254 16.51 29.36 -5.24
C ASN A 254 17.10 28.86 -6.55
N SER A 255 16.65 27.70 -6.98
CA SER A 255 17.16 27.10 -8.21
C SER A 255 16.24 27.38 -9.39
N ALA A 256 15.02 27.85 -9.11
CA ALA A 256 13.97 27.82 -10.12
C ALA A 256 13.46 29.17 -10.65
N ILE A 257 13.11 29.18 -11.93
CA ILE A 257 12.25 30.24 -12.47
C ILE A 257 10.86 29.65 -12.59
N PHE A 258 9.88 30.35 -12.03
CA PHE A 258 8.49 29.88 -12.03
C PHE A 258 7.66 30.47 -13.16
N MET A 259 6.66 29.71 -13.61
CA MET A 259 5.85 30.09 -14.76
C MET A 259 5.05 31.36 -14.50
N ASP A 260 4.88 31.71 -13.23
CA ASP A 260 4.14 32.91 -12.83
C ASP A 260 5.05 34.07 -12.45
N ASP A 261 6.37 33.83 -12.43
CA ASP A 261 7.33 34.91 -12.22
C ASP A 261 7.06 36.10 -13.14
N SER A 262 7.18 37.29 -12.58
CA SER A 262 6.96 38.51 -13.34
C SER A 262 8.21 38.77 -14.16
N GLU A 263 8.14 39.77 -15.02
CA GLU A 263 9.27 40.15 -15.84
C GLU A 263 10.51 40.48 -15.00
N SER A 264 10.32 41.28 -13.96
CA SER A 264 11.42 41.65 -13.09
C SER A 264 11.94 40.48 -12.25
N ASP A 265 11.04 39.58 -11.86
CA ASP A 265 11.47 38.37 -11.17
C ASP A 265 12.39 37.57 -12.12
N VAL A 266 11.99 37.45 -13.37
CA VAL A 266 12.80 36.71 -14.33
C VAL A 266 14.17 37.36 -14.50
N ASN A 267 14.18 38.67 -14.79
CA ASN A 267 15.42 39.44 -14.87
C ASN A 267 16.30 39.27 -13.63
N ARG A 268 15.68 39.45 -12.46
CA ARG A 268 16.37 39.29 -11.19
C ARG A 268 17.09 37.95 -11.11
N LYS A 269 16.34 36.86 -11.36
CA LYS A 269 16.89 35.52 -11.21
C LYS A 269 17.96 35.17 -12.26
N ILE A 270 17.75 35.57 -13.49
CA ILE A 270 18.75 35.30 -14.53
C ILE A 270 20.06 36.05 -14.22
N LYS A 271 19.92 37.28 -13.75
CA LYS A 271 21.08 38.10 -13.43
C LYS A 271 21.95 37.44 -12.38
N LYS A 272 21.29 36.85 -11.37
CA LYS A 272 22.00 36.21 -10.25
C LYS A 272 22.46 34.79 -10.58
N ALA A 273 22.01 34.26 -11.70
CA ALA A 273 22.25 32.87 -12.04
C ALA A 273 23.72 32.57 -12.36
N TYR A 274 24.06 31.28 -12.29
CA TYR A 274 25.38 30.78 -12.64
C TYR A 274 25.57 30.74 -14.16
N CYS A 275 26.62 31.40 -14.67
CA CYS A 275 26.90 31.36 -16.10
C CYS A 275 28.39 31.52 -16.36
N PRO A 276 29.16 30.43 -16.15
CA PRO A 276 30.62 30.46 -16.27
C PRO A 276 31.06 30.76 -17.71
N PRO A 277 32.00 31.70 -17.89
CA PRO A 277 32.49 32.04 -19.23
C PRO A 277 33.07 30.81 -19.91
N ASN A 278 32.84 30.68 -21.21
CA ASN A 278 33.50 29.63 -21.99
C ASN A 278 32.96 28.23 -21.79
N VAL A 279 32.18 28.03 -20.73
CA VAL A 279 31.79 26.68 -20.33
C VAL A 279 30.31 26.42 -20.56
N ILE A 280 30.03 25.34 -21.28
CA ILE A 280 28.67 24.99 -21.66
C ILE A 280 28.13 24.00 -20.65
N GLU A 281 28.96 23.04 -20.30
CA GLU A 281 28.59 21.98 -19.39
C GLU A 281 28.24 22.56 -18.02
N ASN A 282 27.07 22.20 -17.52
CA ASN A 282 26.60 22.66 -16.23
C ASN A 282 26.27 24.16 -16.20
N ASN A 283 26.29 24.78 -17.38
CA ASN A 283 25.82 26.16 -17.53
C ASN A 283 24.30 26.22 -17.72
N PRO A 284 23.57 26.66 -16.67
CA PRO A 284 22.11 26.79 -16.64
C PRO A 284 21.59 27.75 -17.72
N ILE A 285 22.28 28.88 -17.86
CA ILE A 285 21.84 29.89 -18.81
C ILE A 285 21.92 29.38 -20.24
N TYR A 286 23.04 28.74 -20.58
CA TYR A 286 23.18 28.17 -21.91
C TYR A 286 22.12 27.09 -22.11
N ALA A 287 21.91 26.25 -21.10
CA ALA A 287 20.90 25.20 -21.14
C ALA A 287 19.52 25.74 -21.51
N TYR A 288 19.13 26.87 -20.90
CA TYR A 288 17.82 27.46 -21.22
C TYR A 288 17.78 27.88 -22.69
N ALA A 289 18.85 28.51 -23.16
CA ALA A 289 18.98 28.89 -24.55
C ALA A 289 18.81 27.67 -25.45
N LYS A 290 19.44 26.59 -25.05
CA LYS A 290 19.51 25.39 -25.89
C LYS A 290 18.24 24.58 -25.87
N SER A 291 17.72 24.33 -24.66
CA SER A 291 16.64 23.36 -24.51
C SER A 291 15.26 23.99 -24.63
N ILE A 292 15.16 25.29 -24.43
CA ILE A 292 13.87 25.96 -24.44
C ILE A 292 13.74 26.98 -25.56
N ILE A 293 14.65 27.94 -25.57
CA ILE A 293 14.52 29.07 -26.47
C ILE A 293 14.76 28.65 -27.91
N PHE A 294 15.90 28.03 -28.16
CA PHE A 294 16.25 27.70 -29.53
C PHE A 294 15.21 26.80 -30.19
N PRO A 295 14.73 25.76 -29.50
CA PRO A 295 13.67 24.96 -30.13
C PRO A 295 12.37 25.73 -30.34
N SER A 296 12.07 26.72 -29.50
CA SER A 296 10.82 27.45 -29.64
C SER A 296 10.83 28.42 -30.82
N TYR A 297 11.97 29.06 -31.06
CA TYR A 297 12.10 30.07 -32.10
C TYR A 297 12.84 29.58 -33.36
N ASN A 298 13.36 28.36 -33.31
CA ASN A 298 14.22 27.81 -34.37
C ASN A 298 15.33 28.76 -34.80
N GLU A 299 15.74 29.60 -33.87
CA GLU A 299 16.90 30.46 -34.04
C GLU A 299 17.21 31.07 -32.68
N PHE A 300 18.34 31.75 -32.56
CA PHE A 300 18.60 32.55 -31.38
C PHE A 300 19.15 33.90 -31.80
N ASN A 301 18.37 34.95 -31.56
CA ASN A 301 18.82 36.29 -31.91
C ASN A 301 19.47 36.94 -30.70
N LEU A 302 20.79 37.12 -30.80
CA LEU A 302 21.61 37.70 -29.74
C LEU A 302 21.71 39.22 -29.96
N VAL A 303 20.95 40.00 -29.18
CA VAL A 303 21.06 41.45 -29.19
C VAL A 303 22.22 41.92 -28.31
N ARG A 304 23.04 42.83 -28.82
CA ARG A 304 24.16 43.39 -28.05
C ARG A 304 24.85 44.56 -28.74
N LYS A 305 25.65 45.29 -27.97
CA LYS A 305 26.29 46.50 -28.47
C LYS A 305 27.34 46.14 -29.50
N GLU A 306 27.57 47.02 -30.46
CA GLU A 306 28.58 46.80 -31.49
C GLU A 306 29.90 46.46 -30.84
N LYS A 307 30.27 47.25 -29.84
CA LYS A 307 31.57 47.12 -29.18
C LYS A 307 31.71 45.75 -28.53
N ASN A 308 30.59 45.13 -28.19
CA ASN A 308 30.62 43.78 -27.61
C ASN A 308 30.47 42.67 -28.65
N GLY A 309 30.33 43.04 -29.91
CA GLY A 309 30.19 42.05 -30.99
C GLY A 309 28.97 42.25 -31.87
N GLY A 310 28.07 43.13 -31.46
CA GLY A 310 26.88 43.43 -32.22
C GLY A 310 25.83 42.32 -32.23
N ASP A 311 24.63 42.68 -32.67
CA ASP A 311 23.58 41.68 -32.86
C ASP A 311 24.04 40.59 -33.83
N LYS A 312 23.61 39.35 -33.56
CA LYS A 312 23.87 38.21 -34.41
C LYS A 312 22.73 37.21 -34.29
N THR A 313 22.25 36.72 -35.41
CA THR A 313 21.24 35.69 -35.40
C THR A 313 21.90 34.33 -35.58
N TYR A 314 21.66 33.42 -34.65
CA TYR A 314 22.16 32.06 -34.73
C TYR A 314 21.09 31.15 -35.33
N TYR A 315 21.50 30.39 -36.35
CA TYR A 315 20.59 29.45 -36.97
C TYR A 315 20.86 28.00 -36.54
N THR A 316 21.98 27.78 -35.86
CA THR A 316 22.27 26.45 -35.33
C THR A 316 22.83 26.52 -33.92
N LEU A 317 22.67 25.43 -33.20
CA LEU A 317 23.22 25.30 -31.89
C LEU A 317 24.69 25.16 -31.98
N GLN A 318 25.18 24.65 -33.09
CA GLN A 318 26.62 24.49 -33.25
C GLN A 318 27.32 25.83 -33.28
N GLU A 319 26.76 26.79 -33.96
CA GLU A 319 27.34 28.11 -34.00
C GLU A 319 27.20 28.80 -32.66
N LEU A 320 26.08 28.66 -32.00
CA LEU A 320 25.90 29.24 -30.68
C LEU A 320 26.93 28.69 -29.70
N GLU A 321 27.04 27.37 -29.64
CA GLU A 321 27.98 26.69 -28.76
C GLU A 321 29.43 27.05 -29.09
N HIS A 322 29.78 27.02 -30.37
CA HIS A 322 31.14 27.47 -30.76
C HIS A 322 31.47 28.87 -30.21
N ASP A 323 30.59 29.83 -30.47
CA ASP A 323 30.81 31.21 -30.04
C ASP A 323 30.91 31.34 -28.52
N TYR A 324 30.07 30.62 -27.80
CA TYR A 324 30.11 30.74 -26.35
C TYR A 324 31.38 30.11 -25.80
N VAL A 325 31.72 28.93 -26.32
CA VAL A 325 32.90 28.20 -25.89
C VAL A 325 34.17 29.01 -26.13
N ASN A 326 34.21 29.72 -27.27
CA ASN A 326 35.37 30.54 -27.62
C ASN A 326 35.38 31.95 -26.98
N GLY A 327 34.31 32.28 -26.23
CA GLY A 327 34.26 33.54 -25.52
C GLY A 327 33.80 34.71 -26.38
N PHE A 328 33.16 34.40 -27.50
CA PHE A 328 32.60 35.39 -28.40
C PHE A 328 31.36 36.01 -27.77
N ILE A 329 30.64 35.20 -27.01
CA ILE A 329 29.51 35.70 -26.26
C ILE A 329 29.85 35.77 -24.77
N HIS A 330 29.85 36.98 -24.23
CA HIS A 330 30.06 37.18 -22.80
C HIS A 330 28.81 36.76 -22.03
N PRO A 331 29.01 36.22 -20.82
CA PRO A 331 27.90 35.72 -20.01
C PRO A 331 26.81 36.77 -19.82
N LEU A 332 27.17 38.04 -19.75
CA LEU A 332 26.19 39.12 -19.55
C LEU A 332 25.28 39.30 -20.76
N ASP A 333 25.84 39.17 -21.95
CA ASP A 333 25.02 39.26 -23.16
C ASP A 333 24.10 38.04 -23.30
N LEU A 334 24.60 36.85 -22.96
CA LEU A 334 23.76 35.65 -23.00
C LEU A 334 22.59 35.77 -22.02
N LYS A 335 22.89 36.25 -20.80
CA LYS A 335 21.89 36.42 -19.76
C LYS A 335 20.82 37.41 -20.17
N ASP A 336 21.22 38.59 -20.62
CA ASP A 336 20.26 39.58 -21.07
C ASP A 336 19.33 38.98 -22.11
N ASN A 337 19.89 38.26 -23.08
CA ASN A 337 19.06 37.72 -24.15
C ASN A 337 18.17 36.57 -23.69
N VAL A 338 18.71 35.71 -22.83
CA VAL A 338 17.92 34.60 -22.32
C VAL A 338 16.75 35.13 -21.49
N ALA A 339 17.01 36.12 -20.65
CA ALA A 339 15.95 36.72 -19.87
C ALA A 339 14.84 37.31 -20.75
N MET A 340 15.24 37.98 -21.82
CA MET A 340 14.30 38.58 -22.74
C MET A 340 13.41 37.50 -23.37
N TYR A 341 14.04 36.43 -23.84
CA TYR A 341 13.29 35.35 -24.48
C TYR A 341 12.36 34.63 -23.50
N ILE A 342 12.87 34.32 -22.31
CA ILE A 342 12.04 33.67 -21.31
C ILE A 342 10.81 34.52 -21.04
N ASN A 343 11.03 35.83 -20.92
CA ASN A 343 9.93 36.76 -20.69
C ASN A 343 8.95 36.76 -21.85
N LYS A 344 9.46 36.74 -23.07
CA LYS A 344 8.60 36.67 -24.24
C LYS A 344 7.72 35.42 -24.18
N LEU A 345 8.33 34.28 -23.85
CA LEU A 345 7.63 33.01 -23.80
C LEU A 345 6.59 32.97 -22.67
N LEU A 346 6.85 33.66 -21.57
CA LEU A 346 5.89 33.65 -20.47
C LEU A 346 4.71 34.60 -20.67
N GLN A 347 4.73 35.40 -21.73
CA GLN A 347 3.74 36.45 -21.91
C GLN A 347 2.26 35.99 -21.95
N PRO A 348 1.95 34.93 -22.71
CA PRO A 348 0.57 34.43 -22.71
C PRO A 348 0.14 33.97 -21.31
N VAL A 349 1.07 33.43 -20.53
CA VAL A 349 0.77 32.97 -19.18
C VAL A 349 0.53 34.17 -18.29
N ARG A 350 1.41 35.15 -18.44
CA ARG A 350 1.30 36.40 -17.72
C ARG A 350 -0.05 37.06 -18.00
N ASP A 351 -0.41 37.17 -19.28
CA ASP A 351 -1.67 37.79 -19.67
C ASP A 351 -2.85 37.03 -19.10
N HIS A 352 -2.79 35.71 -19.17
CA HIS A 352 -3.91 34.90 -18.75
C HIS A 352 -4.19 35.09 -17.28
N PHE A 353 -3.11 35.24 -16.49
CA PHE A 353 -3.27 35.40 -15.04
C PHE A 353 -3.53 36.84 -14.61
N GLN A 354 -3.23 37.80 -15.49
CA GLN A 354 -3.56 39.18 -15.19
C GLN A 354 -5.00 39.47 -15.58
N ASN A 355 -5.52 38.72 -16.54
CA ASN A 355 -6.85 38.99 -17.10
C ASN A 355 -7.97 38.08 -16.58
N ASN A 356 -7.79 36.76 -16.70
CA ASN A 356 -8.78 35.82 -16.18
C ASN A 356 -8.81 35.88 -14.66
N ILE A 357 -9.75 36.66 -14.13
CA ILE A 357 -9.79 36.93 -12.70
C ILE A 357 -9.84 35.66 -11.87
N GLU A 358 -10.51 34.63 -12.38
CA GLU A 358 -10.55 33.35 -11.68
C GLU A 358 -9.16 32.76 -11.53
N ALA A 359 -8.41 32.74 -12.62
CA ALA A 359 -7.04 32.23 -12.60
C ALA A 359 -6.17 33.07 -11.69
N LYS A 360 -6.36 34.40 -11.76
CA LYS A 360 -5.61 35.32 -10.92
C LYS A 360 -5.77 35.04 -9.43
N ASN A 361 -7.01 34.79 -8.99
CA ASN A 361 -7.31 34.53 -7.59
C ASN A 361 -6.67 33.24 -7.13
N LEU A 362 -6.68 32.27 -8.04
CA LEU A 362 -6.06 30.98 -7.83
C LEU A 362 -4.58 31.17 -7.54
N LEU A 363 -3.89 31.85 -8.46
CA LEU A 363 -2.49 32.19 -8.27
C LEU A 363 -2.21 32.85 -6.92
N ASN A 364 -2.91 33.94 -6.63
CA ASN A 364 -2.70 34.69 -5.39
C ASN A 364 -2.77 33.79 -4.18
N GLU A 365 -3.81 32.98 -4.16
CA GLU A 365 -4.03 31.99 -3.12
C GLU A 365 -2.90 30.98 -3.08
N ILE A 366 -2.55 30.46 -4.26
CA ILE A 366 -1.54 29.43 -4.38
C ILE A 366 -0.17 29.89 -3.89
N LYS A 367 0.12 31.18 -4.06
CA LYS A 367 1.41 31.73 -3.66
C LYS A 367 1.57 31.79 -2.14
N LYS A 368 0.46 31.85 -1.42
CA LYS A 368 0.48 31.88 0.04
C LYS A 368 1.04 30.58 0.61
N TYR A 369 0.65 29.46 0.01
CA TYR A 369 0.94 28.16 0.62
C TYR A 369 2.42 27.95 0.89
N LYS A 370 2.72 27.33 2.03
CA LYS A 370 4.08 26.92 2.35
C LYS A 370 4.41 25.58 1.71
N VAL A 371 5.54 25.53 1.01
CA VAL A 371 6.01 24.30 0.40
C VAL A 371 6.60 23.34 1.44
N THR A 372 6.06 22.12 1.50
CA THR A 372 6.53 21.10 2.43
C THR A 372 7.15 19.91 1.68
N ALA B 18 -30.16 6.03 44.61
CA ALA B 18 -30.20 4.85 43.75
C ALA B 18 -29.19 3.80 44.20
N GLN B 19 -29.43 2.56 43.79
CA GLN B 19 -28.52 1.46 44.07
C GLN B 19 -28.01 0.86 42.77
N GLU B 20 -27.59 1.71 41.86
CA GLU B 20 -26.99 1.28 40.60
C GLU B 20 -25.50 1.01 40.80
N GLU B 21 -25.13 0.64 42.02
CA GLU B 21 -23.80 0.12 42.33
C GLU B 21 -23.72 -1.29 41.78
N SER B 22 -24.89 -1.83 41.44
CA SER B 22 -24.99 -3.14 40.81
C SER B 22 -24.47 -3.08 39.37
N LYS B 23 -24.32 -1.87 38.83
CA LYS B 23 -23.77 -1.70 37.48
C LYS B 23 -22.24 -1.83 37.50
N ILE B 24 -21.61 -1.20 38.47
CA ILE B 24 -20.17 -1.34 38.66
C ILE B 24 -19.83 -2.79 38.97
N GLU B 25 -20.61 -3.41 39.84
CA GLU B 25 -20.42 -4.82 40.17
C GLU B 25 -20.55 -5.67 38.90
N ASP B 26 -21.56 -5.37 38.08
CA ASP B 26 -21.77 -6.09 36.83
C ASP B 26 -20.62 -5.91 35.84
N VAL B 27 -20.16 -4.67 35.67
CA VAL B 27 -19.07 -4.41 34.73
C VAL B 27 -17.84 -5.19 35.15
N ASP B 28 -17.53 -5.17 36.45
CA ASP B 28 -16.35 -5.87 36.96
C ASP B 28 -16.48 -7.38 36.80
N LYS B 29 -17.69 -7.87 37.00
CA LYS B 29 -18.01 -9.26 36.71
C LYS B 29 -17.75 -9.57 35.23
N ILE B 30 -18.25 -8.69 34.36
CA ILE B 30 -18.06 -8.82 32.91
C ILE B 30 -16.59 -8.73 32.52
N LEU B 31 -15.89 -7.75 33.07
CA LEU B 31 -14.49 -7.53 32.73
C LEU B 31 -13.64 -8.74 33.10
N ASN B 32 -13.89 -9.30 34.28
CA ASN B 32 -13.12 -10.44 34.75
C ASN B 32 -13.41 -11.69 33.93
N ASP B 33 -14.62 -11.76 33.40
CA ASP B 33 -15.06 -12.90 32.61
C ASP B 33 -14.42 -12.85 31.23
N ILE B 34 -14.47 -11.68 30.61
CA ILE B 34 -13.84 -11.46 29.32
C ILE B 34 -12.33 -11.69 29.39
N LEU B 35 -11.71 -11.28 30.49
CA LEU B 35 -10.26 -11.34 30.63
C LEU B 35 -9.78 -12.76 30.90
N SER B 36 -10.68 -13.58 31.44
CA SER B 36 -10.34 -14.96 31.80
C SER B 36 -10.06 -15.78 30.55
N ILE B 37 -10.41 -15.20 29.42
CA ILE B 37 -10.35 -15.91 28.16
C ILE B 37 -9.17 -15.36 27.36
N SER B 38 -8.52 -14.35 27.92
CA SER B 38 -7.47 -13.61 27.25
C SER B 38 -6.07 -14.00 27.74
N SER B 39 -5.07 -13.72 26.92
CA SER B 39 -3.68 -13.99 27.27
C SER B 39 -3.01 -12.67 27.69
N GLU B 40 -3.56 -11.58 27.20
CA GLU B 40 -2.99 -10.27 27.42
C GLU B 40 -4.01 -9.26 26.95
N CYS B 41 -4.32 -8.31 27.83
CA CYS B 41 -5.19 -7.22 27.47
C CYS B 41 -4.41 -5.91 27.50
N ILE B 42 -4.54 -5.15 26.42
CA ILE B 42 -3.97 -3.81 26.36
C ILE B 42 -5.06 -2.78 26.06
N GLN B 43 -5.52 -2.03 27.07
CA GLN B 43 -5.22 -2.25 28.49
C GLN B 43 -6.51 -2.60 29.23
N PRO B 44 -6.40 -3.30 30.37
CA PRO B 44 -7.59 -3.71 31.14
C PRO B 44 -8.46 -2.53 31.55
N ASP B 45 -7.83 -1.40 31.89
CA ASP B 45 -8.56 -0.20 32.32
C ASP B 45 -9.37 0.42 31.18
N GLU B 46 -8.79 0.45 29.99
CA GLU B 46 -9.49 0.94 28.81
C GLU B 46 -10.65 0.04 28.47
N LEU B 47 -10.50 -1.25 28.78
CA LEU B 47 -11.57 -2.21 28.52
C LEU B 47 -12.76 -1.96 29.46
N ARG B 48 -12.50 -1.72 30.73
CA ARG B 48 -13.56 -1.36 31.68
C ARG B 48 -14.26 -0.09 31.19
N VAL B 49 -13.46 0.94 30.91
CA VAL B 49 -13.98 2.17 30.32
C VAL B 49 -14.88 1.87 29.12
N LYS B 50 -14.39 1.04 28.22
CA LYS B 50 -15.11 0.70 26.99
C LYS B 50 -16.43 0.01 27.33
N LEU B 51 -16.44 -0.79 28.38
CA LEU B 51 -17.61 -1.57 28.79
C LEU B 51 -18.69 -0.68 29.42
N LEU B 52 -18.26 0.46 29.96
CA LEU B 52 -19.20 1.40 30.54
C LEU B 52 -19.82 2.28 29.46
N LEU B 53 -19.55 1.93 28.21
CA LEU B 53 -20.02 2.74 27.09
C LEU B 53 -21.49 2.55 26.74
N LYS B 54 -22.20 1.79 27.57
CA LYS B 54 -23.65 1.66 27.41
C LYS B 54 -23.99 1.50 25.93
N ARG B 55 -23.40 0.50 25.32
CA ARG B 55 -23.47 0.31 23.88
C ARG B 55 -22.74 -0.99 23.54
N LYS B 56 -23.06 -1.58 22.39
CA LYS B 56 -22.36 -2.79 21.99
C LYS B 56 -20.96 -2.46 21.48
N LEU B 57 -19.98 -3.20 21.96
CA LEU B 57 -18.60 -3.03 21.53
C LEU B 57 -18.33 -3.90 20.31
N ILE B 58 -17.65 -3.33 19.33
CA ILE B 58 -17.33 -4.06 18.11
C ILE B 58 -15.99 -4.79 18.23
N CYS B 59 -16.05 -6.11 18.17
CA CYS B 59 -14.85 -6.94 18.24
C CYS B 59 -14.62 -7.59 16.89
N TYR B 60 -13.37 -7.94 16.59
CA TYR B 60 -13.10 -8.69 15.37
C TYR B 60 -11.86 -9.58 15.45
N ASP B 61 -11.85 -10.58 14.58
CA ASP B 61 -10.69 -11.42 14.35
C ASP B 61 -10.67 -11.61 12.85
N GLY B 62 -9.48 -11.79 12.28
CA GLY B 62 -9.36 -11.92 10.84
C GLY B 62 -8.67 -13.20 10.42
N PHE B 63 -9.08 -13.77 9.29
CA PHE B 63 -8.56 -15.07 8.87
C PHE B 63 -8.19 -15.11 7.41
N GLU B 64 -6.97 -15.55 7.13
CA GLU B 64 -6.58 -15.87 5.77
C GLU B 64 -7.21 -17.19 5.33
N PRO B 65 -8.04 -17.17 4.28
CA PRO B 65 -8.62 -18.45 3.81
C PRO B 65 -7.58 -19.22 3.02
N SER B 66 -6.76 -20.00 3.71
CA SER B 66 -5.53 -20.54 3.13
C SER B 66 -5.37 -22.05 3.28
N GLY B 67 -6.45 -22.75 3.62
CA GLY B 67 -6.41 -24.20 3.74
C GLY B 67 -7.49 -24.69 4.70
N ARG B 68 -7.35 -25.93 5.17
CA ARG B 68 -8.31 -26.46 6.13
C ARG B 68 -8.29 -25.67 7.44
N MET B 69 -9.43 -25.63 8.12
CA MET B 69 -9.50 -24.98 9.42
C MET B 69 -9.08 -25.95 10.52
N HIS B 70 -8.22 -25.50 11.42
CA HIS B 70 -7.86 -26.33 12.56
C HIS B 70 -8.62 -25.86 13.80
N ILE B 71 -8.57 -26.64 14.88
CA ILE B 71 -9.52 -26.43 15.98
C ILE B 71 -9.33 -25.15 16.77
N ALA B 72 -8.17 -24.49 16.63
CA ALA B 72 -8.00 -23.20 17.29
C ALA B 72 -8.94 -22.16 16.67
N GLN B 73 -9.07 -22.23 15.35
CA GLN B 73 -9.87 -21.27 14.58
C GLN B 73 -11.36 -21.59 14.59
N GLY B 74 -11.69 -22.83 14.96
CA GLY B 74 -13.06 -23.28 15.03
C GLY B 74 -13.58 -23.40 16.46
N LEU B 75 -13.12 -24.42 17.19
CA LEU B 75 -13.60 -24.67 18.55
C LEU B 75 -13.19 -23.62 19.57
N LEU B 76 -11.93 -23.22 19.55
CA LEU B 76 -11.42 -22.27 20.53
C LEU B 76 -12.02 -20.88 20.28
N LYS B 77 -12.03 -20.45 19.03
CA LYS B 77 -12.58 -19.15 18.66
C LYS B 77 -14.02 -19.02 19.20
N SER B 78 -14.78 -20.07 19.01
CA SER B 78 -16.20 -20.09 19.35
C SER B 78 -16.43 -19.89 20.85
N ILE B 79 -15.59 -20.48 21.67
CA ILE B 79 -15.66 -20.27 23.12
C ILE B 79 -15.51 -18.78 23.43
N ILE B 80 -14.53 -18.16 22.80
CA ILE B 80 -14.21 -16.77 23.07
C ILE B 80 -15.31 -15.83 22.57
N VAL B 81 -15.82 -16.10 21.37
CA VAL B 81 -16.86 -15.28 20.77
C VAL B 81 -18.17 -15.38 21.57
N ASN B 82 -18.50 -16.57 22.05
CA ASN B 82 -19.69 -16.75 22.88
C ASN B 82 -19.59 -15.92 24.14
N LYS B 83 -18.43 -15.95 24.79
CA LYS B 83 -18.20 -15.15 25.98
C LYS B 83 -18.41 -13.66 25.68
N LEU B 84 -17.89 -13.20 24.55
CA LEU B 84 -18.03 -11.78 24.19
C LEU B 84 -19.45 -11.35 23.85
N THR B 85 -20.12 -12.12 23.01
CA THR B 85 -21.45 -11.73 22.54
C THR B 85 -22.51 -11.90 23.64
N SER B 86 -22.22 -12.72 24.64
CA SER B 86 -23.14 -12.84 25.76
C SER B 86 -22.86 -11.75 26.80
N ASN B 87 -21.96 -10.83 26.44
CA ASN B 87 -21.62 -9.70 27.31
C ASN B 87 -21.60 -8.37 26.57
N GLY B 88 -22.59 -8.18 25.70
CA GLY B 88 -22.79 -6.91 25.02
C GLY B 88 -21.88 -6.57 23.86
N CYS B 89 -21.19 -7.57 23.31
CA CYS B 89 -20.30 -7.31 22.19
C CYS B 89 -20.86 -7.82 20.88
N THR B 90 -20.52 -7.11 19.81
CA THR B 90 -20.75 -7.57 18.46
C THR B 90 -19.45 -8.15 17.92
N PHE B 91 -19.52 -9.24 17.17
CA PHE B 91 -18.30 -9.89 16.68
C PHE B 91 -18.22 -10.03 15.18
N ILE B 92 -17.13 -9.52 14.62
CA ILE B 92 -16.92 -9.60 13.18
C ILE B 92 -15.85 -10.62 12.86
N PHE B 93 -16.20 -11.60 12.04
CA PHE B 93 -15.22 -12.45 11.40
C PHE B 93 -14.86 -11.81 10.07
N TRP B 94 -13.61 -11.39 9.94
CA TRP B 94 -13.12 -10.72 8.73
C TRP B 94 -12.49 -11.79 7.84
N ILE B 95 -13.13 -12.10 6.72
CA ILE B 95 -12.62 -13.12 5.80
C ILE B 95 -11.63 -12.40 4.94
N ALA B 96 -10.36 -12.53 5.29
CA ALA B 96 -9.31 -11.73 4.73
C ALA B 96 -8.84 -12.32 3.40
N ASP B 97 -9.73 -12.36 2.41
CA ASP B 97 -9.41 -12.95 1.11
C ASP B 97 -8.26 -12.24 0.38
N TRP B 98 -8.36 -10.92 0.20
CA TRP B 98 -7.33 -10.13 -0.48
CA TRP B 98 -7.32 -10.19 -0.50
C TRP B 98 -5.99 -10.29 0.24
N PHE B 99 -6.06 -10.47 1.55
CA PHE B 99 -4.85 -10.64 2.35
C PHE B 99 -4.17 -11.96 2.04
N ALA B 100 -4.97 -13.02 1.98
CA ALA B 100 -4.46 -14.32 1.56
C ALA B 100 -3.82 -14.23 0.18
N HIS B 101 -4.48 -13.54 -0.73
CA HIS B 101 -3.94 -13.38 -2.08
C HIS B 101 -2.59 -12.67 -1.99
N LEU B 102 -2.59 -11.57 -1.24
CA LEU B 102 -1.39 -10.75 -1.07
C LEU B 102 -0.27 -11.57 -0.45
N ASN B 103 -0.63 -12.50 0.42
CA ASN B 103 0.35 -13.37 1.08
C ASN B 103 0.66 -14.67 0.29
N ASN B 104 0.21 -14.74 -0.95
CA ASN B 104 0.52 -15.88 -1.84
C ASN B 104 -0.07 -17.22 -1.42
N LYS B 105 -1.22 -17.22 -0.77
CA LYS B 105 -1.85 -18.48 -0.36
C LYS B 105 -2.62 -19.09 -1.53
N MET B 106 -2.64 -20.42 -1.60
CA MET B 106 -3.24 -21.07 -2.76
C MET B 106 -2.70 -20.51 -4.06
N SER B 107 -1.39 -20.27 -4.12
CA SER B 107 -0.77 -19.61 -5.27
C SER B 107 -1.36 -18.22 -5.57
N GLY B 108 -2.07 -17.65 -4.60
CA GLY B 108 -2.70 -16.35 -4.80
C GLY B 108 -3.99 -16.41 -5.61
N ASP B 109 -4.38 -17.63 -6.01
CA ASP B 109 -5.63 -17.83 -6.75
C ASP B 109 -6.88 -17.46 -5.93
N LEU B 110 -7.53 -16.38 -6.36
CA LEU B 110 -8.61 -15.76 -5.60
C LEU B 110 -9.87 -16.62 -5.60
N LYS B 111 -10.13 -17.33 -6.69
CA LYS B 111 -11.25 -18.26 -6.73
C LYS B 111 -11.13 -19.38 -5.70
N LYS B 112 -9.93 -19.88 -5.46
CA LYS B 112 -9.74 -20.92 -4.45
C LYS B 112 -9.87 -20.34 -3.05
N ILE B 113 -9.22 -19.20 -2.84
CA ILE B 113 -9.33 -18.47 -1.58
C ILE B 113 -10.80 -18.21 -1.17
N LYS B 114 -11.60 -17.76 -2.12
CA LYS B 114 -13.02 -17.48 -1.86
C LYS B 114 -13.78 -18.75 -1.52
N LYS B 115 -13.48 -19.85 -2.21
CA LYS B 115 -14.09 -21.12 -1.86
C LYS B 115 -13.71 -21.53 -0.44
N VAL B 116 -12.44 -21.38 -0.08
CA VAL B 116 -12.02 -21.73 1.28
C VAL B 116 -12.74 -20.83 2.27
N GLY B 117 -12.92 -19.57 1.91
CA GLY B 117 -13.61 -18.61 2.75
C GLY B 117 -15.05 -19.00 3.01
N SER B 118 -15.71 -19.45 1.95
CA SER B 118 -17.07 -19.96 2.06
C SER B 118 -17.10 -21.19 2.96
N TYR B 119 -16.08 -22.02 2.84
CA TYR B 119 -16.00 -23.21 3.68
C TYR B 119 -15.85 -22.82 5.17
N PHE B 120 -15.03 -21.81 5.46
CA PHE B 120 -14.82 -21.38 6.84
C PHE B 120 -16.15 -20.98 7.47
N ILE B 121 -16.94 -20.21 6.73
CA ILE B 121 -18.20 -19.70 7.24
C ILE B 121 -19.13 -20.87 7.55
N GLU B 122 -19.21 -21.83 6.64
CA GLU B 122 -20.01 -23.02 6.89
C GLU B 122 -19.62 -23.71 8.18
N VAL B 123 -18.32 -23.81 8.45
CA VAL B 123 -17.84 -24.39 9.72
C VAL B 123 -18.30 -23.57 10.91
N TRP B 124 -18.08 -22.26 10.82
CA TRP B 124 -18.32 -21.38 11.97
C TRP B 124 -19.81 -21.38 12.26
N LYS B 125 -20.61 -21.49 11.20
CA LYS B 125 -22.06 -21.52 11.38
C LYS B 125 -22.57 -22.78 12.05
N SER B 126 -21.74 -23.81 12.12
CA SER B 126 -22.10 -25.06 12.79
C SER B 126 -21.31 -25.30 14.08
N CYS B 127 -20.65 -24.26 14.59
CA CYS B 127 -19.83 -24.37 15.80
C CYS B 127 -20.52 -24.07 17.11
N GLY B 128 -21.85 -24.05 17.11
CA GLY B 128 -22.57 -23.70 18.31
C GLY B 128 -22.20 -22.32 18.81
N MET B 129 -21.93 -21.41 17.88
CA MET B 129 -21.80 -20.01 18.20
C MET B 129 -23.17 -19.38 18.12
N ASN B 130 -23.40 -18.37 18.95
CA ASN B 130 -24.62 -17.60 18.83
C ASN B 130 -24.39 -16.61 17.72
N MET B 131 -25.33 -16.53 16.77
CA MET B 131 -25.11 -15.79 15.54
C MET B 131 -25.82 -14.45 15.53
N GLU B 132 -26.69 -14.24 16.51
CA GLU B 132 -27.45 -13.01 16.60
C GLU B 132 -26.52 -11.81 16.52
N ASN B 133 -25.37 -11.91 17.18
CA ASN B 133 -24.41 -10.82 17.20
C ASN B 133 -23.09 -11.14 16.47
N VAL B 134 -23.15 -12.07 15.53
CA VAL B 134 -21.96 -12.38 14.74
C VAL B 134 -22.11 -11.94 13.29
N GLN B 135 -21.02 -11.46 12.71
CA GLN B 135 -21.03 -11.03 11.33
C GLN B 135 -19.85 -11.62 10.59
N PHE B 136 -20.10 -12.07 9.37
CA PHE B 136 -19.01 -12.48 8.49
C PHE B 136 -18.87 -11.43 7.41
N LEU B 137 -17.72 -10.78 7.37
CA LEU B 137 -17.46 -9.75 6.38
C LEU B 137 -16.26 -10.13 5.53
N TRP B 138 -16.39 -9.93 4.23
CA TRP B 138 -15.28 -10.20 3.32
C TRP B 138 -14.47 -8.92 3.05
N ALA B 139 -13.16 -9.03 3.17
CA ALA B 139 -12.29 -7.87 3.03
C ALA B 139 -12.53 -7.23 1.66
N SER B 140 -12.52 -8.03 0.62
CA SER B 140 -12.65 -7.50 -0.74
C SER B 140 -13.98 -6.77 -0.94
N GLU B 141 -15.07 -7.35 -0.42
CA GLU B 141 -16.40 -6.74 -0.55
C GLU B 141 -16.47 -5.40 0.18
N GLU B 142 -16.02 -5.40 1.44
CA GLU B 142 -16.12 -4.22 2.31
C GLU B 142 -15.22 -3.08 1.85
N ILE B 143 -13.97 -3.40 1.54
CA ILE B 143 -13.04 -2.39 1.04
C ILE B 143 -13.58 -1.74 -0.22
N ASN B 144 -14.13 -2.55 -1.11
CA ASN B 144 -14.64 -2.01 -2.38
C ASN B 144 -16.00 -1.30 -2.24
N LYS B 145 -16.61 -1.37 -1.06
CA LYS B 145 -17.79 -0.55 -0.79
C LYS B 145 -17.36 0.87 -0.49
N LYS B 146 -16.20 1.02 0.14
CA LYS B 146 -15.66 2.33 0.45
C LYS B 146 -14.15 2.39 0.17
N PRO B 147 -13.77 2.28 -1.12
CA PRO B 147 -12.35 2.20 -1.47
C PRO B 147 -11.61 3.51 -1.19
N ASN B 148 -12.28 4.65 -1.34
CA ASN B 148 -11.57 5.92 -1.12
C ASN B 148 -11.14 6.05 0.33
N GLU B 149 -12.08 5.83 1.25
CA GLU B 149 -11.79 5.87 2.68
C GLU B 149 -10.75 4.83 3.05
N TYR B 150 -10.98 3.59 2.65
CA TYR B 150 -10.05 2.52 3.01
C TYR B 150 -8.62 2.81 2.55
N TRP B 151 -8.46 3.08 1.26
CA TRP B 151 -7.12 3.28 0.73
C TRP B 151 -6.46 4.58 1.25
N SER B 152 -7.28 5.60 1.53
CA SER B 152 -6.75 6.83 2.12
C SER B 152 -6.14 6.53 3.47
N LEU B 153 -6.82 5.66 4.20
CA LEU B 153 -6.36 5.21 5.51
C LEU B 153 -5.04 4.45 5.37
N VAL B 154 -4.99 3.50 4.42
CA VAL B 154 -3.80 2.71 4.23
C VAL B 154 -2.60 3.61 3.91
N LEU B 155 -2.79 4.56 3.01
CA LEU B 155 -1.76 5.53 2.66
C LEU B 155 -1.33 6.35 3.88
N ASP B 156 -2.30 6.88 4.61
CA ASP B 156 -1.98 7.65 5.80
C ASP B 156 -1.18 6.87 6.83
N ILE B 157 -1.53 5.60 7.02
CA ILE B 157 -0.75 4.72 7.88
C ILE B 157 0.69 4.54 7.35
N SER B 158 0.84 4.36 6.04
CA SER B 158 2.18 4.13 5.47
C SER B 158 3.12 5.33 5.64
N ARG B 159 2.57 6.53 5.63
CA ARG B 159 3.40 7.70 5.81
C ARG B 159 3.78 7.94 7.28
N SER B 160 3.20 7.15 8.18
CA SER B 160 3.39 7.35 9.62
C SER B 160 4.47 6.46 10.25
N PHE B 161 4.86 5.37 9.57
CA PHE B 161 5.84 4.45 10.13
C PHE B 161 6.94 4.15 9.12
N ASN B 162 8.17 3.96 9.61
CA ASN B 162 9.25 3.65 8.68
C ASN B 162 9.30 2.16 8.37
N ILE B 163 10.13 1.80 7.39
CA ILE B 163 10.13 0.44 6.88
C ILE B 163 10.50 -0.59 7.96
N ASN B 164 11.53 -0.28 8.74
CA ASN B 164 11.97 -1.17 9.80
C ASN B 164 10.91 -1.42 10.86
N ARG B 165 10.22 -0.35 11.26
CA ARG B 165 9.08 -0.48 12.17
C ARG B 165 8.04 -1.47 11.60
N MET B 166 7.71 -1.29 10.33
CA MET B 166 6.70 -2.13 9.71
C MET B 166 7.19 -3.56 9.58
N LYS B 167 8.47 -3.72 9.22
CA LYS B 167 9.06 -5.03 9.10
C LYS B 167 8.96 -5.84 10.40
N ARG B 168 8.79 -5.17 11.53
CA ARG B 168 8.63 -5.95 12.75
C ARG B 168 7.20 -6.51 12.92
N CYS B 169 6.32 -6.23 11.96
CA CYS B 169 5.02 -6.90 11.93
C CYS B 169 5.04 -8.18 11.07
N LEU B 170 6.21 -8.57 10.58
CA LEU B 170 6.28 -9.71 9.65
C LEU B 170 5.55 -10.95 10.18
N LYS B 171 5.66 -11.19 11.49
CA LYS B 171 5.03 -12.34 12.13
C LYS B 171 3.52 -12.44 11.87
N ILE B 172 2.82 -11.30 11.74
CA ILE B 172 1.36 -11.34 11.53
C ILE B 172 0.97 -12.06 10.23
N MET B 173 1.94 -12.23 9.33
CA MET B 173 1.68 -12.96 8.08
C MET B 173 2.49 -14.26 7.99
N GLY B 174 2.98 -14.74 9.12
CA GLY B 174 3.79 -15.95 9.14
C GLY B 174 5.10 -15.81 8.37
N ARG B 175 5.64 -14.60 8.33
CA ARG B 175 6.91 -14.33 7.64
C ARG B 175 8.00 -13.84 8.61
N SER B 176 9.24 -13.85 8.14
CA SER B 176 10.38 -13.39 8.94
C SER B 176 11.38 -12.55 8.14
N GLU B 177 12.25 -11.84 8.84
CA GLU B 177 13.28 -11.05 8.18
C GLU B 177 14.20 -11.97 7.38
N GLY B 178 14.31 -13.23 7.83
CA GLY B 178 15.17 -14.21 7.22
C GLY B 178 14.89 -14.45 5.75
N GLU B 179 13.61 -14.50 5.38
CA GLU B 179 13.25 -14.75 3.98
C GLU B 179 13.29 -13.47 3.14
N GLU B 180 13.14 -13.65 1.82
CA GLU B 180 13.12 -12.50 0.92
C GLU B 180 11.86 -11.70 1.22
N ASN B 181 12.03 -10.41 1.44
CA ASN B 181 10.95 -9.56 1.89
C ASN B 181 10.36 -8.73 0.75
N TYR B 182 9.18 -9.13 0.31
CA TYR B 182 8.54 -8.48 -0.82
C TYR B 182 7.80 -7.27 -0.33
N CYS B 183 7.61 -6.28 -1.21
CA CYS B 183 6.92 -5.05 -0.84
C CYS B 183 5.51 -5.35 -0.33
N SER B 184 4.92 -6.42 -0.83
CA SER B 184 3.61 -6.87 -0.33
C SER B 184 3.63 -7.05 1.18
N GLN B 185 4.80 -7.38 1.72
CA GLN B 185 4.97 -7.57 3.17
C GLN B 185 5.03 -6.24 3.91
N ILE B 186 5.15 -5.15 3.16
CA ILE B 186 4.97 -3.83 3.74
C ILE B 186 3.52 -3.37 3.61
N LEU B 187 2.89 -3.64 2.46
CA LEU B 187 1.49 -3.24 2.28
C LEU B 187 0.54 -3.97 3.21
N TYR B 188 0.78 -5.27 3.40
CA TYR B 188 -0.13 -6.12 4.15
C TYR B 188 -0.38 -5.55 5.57
N PRO B 189 0.68 -5.33 6.35
CA PRO B 189 0.49 -4.75 7.69
C PRO B 189 -0.20 -3.39 7.64
N CYS B 190 0.09 -2.60 6.62
CA CYS B 190 -0.53 -1.28 6.54
C CYS B 190 -2.03 -1.48 6.39
N MET B 191 -2.39 -2.49 5.60
CA MET B 191 -3.80 -2.80 5.35
C MET B 191 -4.47 -3.40 6.56
N GLN B 192 -3.76 -4.26 7.30
CA GLN B 192 -4.36 -4.86 8.46
C GLN B 192 -4.64 -3.78 9.51
N CYS B 193 -3.67 -2.87 9.70
CA CYS B 193 -3.84 -1.75 10.61
C CYS B 193 -5.04 -0.91 10.19
N ALA B 194 -5.16 -0.63 8.89
CA ALA B 194 -6.30 0.15 8.40
C ALA B 194 -7.64 -0.52 8.71
N ASP B 195 -7.68 -1.84 8.63
CA ASP B 195 -8.89 -2.60 8.93
C ASP B 195 -9.49 -2.23 10.28
N ILE B 196 -8.61 -2.11 11.27
CA ILE B 196 -9.04 -1.85 12.65
C ILE B 196 -9.90 -0.59 12.73
N PHE B 197 -9.49 0.47 12.02
CA PHE B 197 -10.25 1.71 12.02
C PHE B 197 -11.41 1.62 11.04
N PHE B 198 -11.15 1.06 9.86
CA PHE B 198 -12.16 0.96 8.81
C PHE B 198 -13.41 0.25 9.36
N LEU B 199 -13.19 -0.78 10.17
CA LEU B 199 -14.28 -1.56 10.74
C LEU B 199 -14.77 -0.98 12.08
N ASN B 200 -14.16 0.11 12.51
CA ASN B 200 -14.55 0.77 13.76
C ASN B 200 -14.46 -0.16 14.96
N VAL B 201 -13.42 -0.98 14.98
CA VAL B 201 -13.22 -1.96 16.04
C VAL B 201 -13.02 -1.29 17.40
N ASP B 202 -13.74 -1.76 18.42
CA ASP B 202 -13.46 -1.35 19.81
C ASP B 202 -12.39 -2.26 20.42
N ILE B 203 -12.43 -3.54 20.06
CA ILE B 203 -11.56 -4.55 20.64
C ILE B 203 -10.97 -5.43 19.54
N CYS B 204 -9.65 -5.39 19.33
CA CYS B 204 -8.99 -6.35 18.46
C CYS B 204 -8.82 -7.64 19.23
N GLN B 205 -9.49 -8.70 18.78
CA GLN B 205 -9.49 -9.98 19.48
C GLN B 205 -8.90 -11.05 18.55
N LEU B 206 -7.58 -11.02 18.42
CA LEU B 206 -6.85 -11.91 17.56
C LEU B 206 -5.87 -12.71 18.43
N GLY B 207 -5.21 -13.69 17.84
CA GLY B 207 -4.18 -14.43 18.56
C GLY B 207 -2.99 -13.53 18.88
N ILE B 208 -2.19 -13.95 19.85
CA ILE B 208 -1.04 -13.17 20.33
C ILE B 208 0.03 -12.93 19.25
N ASP B 209 0.07 -13.81 18.25
CA ASP B 209 0.96 -13.66 17.09
C ASP B 209 0.63 -12.41 16.24
N GLN B 210 -0.59 -11.90 16.35
CA GLN B 210 -1.00 -10.73 15.59
C GLN B 210 -0.73 -9.41 16.34
N ARG B 211 -0.24 -9.50 17.56
CA ARG B 211 -0.21 -8.31 18.43
C ARG B 211 0.59 -7.12 17.89
N LYS B 212 1.69 -7.38 17.18
CA LYS B 212 2.53 -6.26 16.75
C LYS B 212 1.79 -5.24 15.89
N VAL B 213 0.93 -5.72 14.99
CA VAL B 213 0.14 -4.81 14.15
C VAL B 213 -0.99 -4.16 14.97
N ASN B 214 -1.47 -4.85 15.99
CA ASN B 214 -2.44 -4.24 16.88
C ASN B 214 -1.81 -3.12 17.70
N MET B 215 -0.59 -3.34 18.18
CA MET B 215 0.17 -2.29 18.84
C MET B 215 0.45 -1.14 17.88
N LEU B 216 0.69 -1.45 16.61
CA LEU B 216 0.99 -0.40 15.63
C LEU B 216 -0.20 0.55 15.48
N ALA B 217 -1.40 -0.01 15.53
CA ALA B 217 -2.64 0.77 15.43
C ALA B 217 -2.83 1.70 16.64
N ARG B 218 -2.44 1.24 17.82
CA ARG B 218 -2.53 2.08 19.01
C ARG B 218 -1.56 3.26 18.87
N GLU B 219 -0.36 2.95 18.37
CA GLU B 219 0.65 3.96 18.10
C GLU B 219 0.14 4.98 17.08
N TYR B 220 -0.54 4.49 16.05
CA TYR B 220 -1.11 5.40 15.06
C TYR B 220 -2.07 6.41 15.72
N CYS B 221 -2.87 5.95 16.67
CA CYS B 221 -3.80 6.81 17.40
C CYS B 221 -3.07 7.95 18.11
N ASP B 222 -2.01 7.60 18.82
CA ASP B 222 -1.20 8.60 19.49
C ASP B 222 -0.62 9.61 18.51
N ILE B 223 -0.08 9.11 17.41
CA ILE B 223 0.51 9.98 16.39
C ILE B 223 -0.53 10.94 15.82
N LYS B 224 -1.71 10.42 15.54
CA LYS B 224 -2.78 11.21 14.94
C LYS B 224 -3.65 11.87 16.00
N LYS B 225 -3.24 11.78 17.26
CA LYS B 225 -4.04 12.27 18.38
C LYS B 225 -5.50 11.83 18.26
N ILE B 226 -5.69 10.54 18.00
CA ILE B 226 -7.02 9.95 17.98
C ILE B 226 -7.32 9.38 19.36
N LYS B 227 -8.41 9.85 19.96
CA LYS B 227 -8.76 9.48 21.34
C LYS B 227 -9.37 8.09 21.43
N LYS B 228 -10.15 7.71 20.42
CA LYS B 228 -10.74 6.38 20.39
C LYS B 228 -9.68 5.35 19.98
N LYS B 229 -9.23 4.57 20.95
CA LYS B 229 -8.10 3.68 20.81
C LYS B 229 -8.63 2.26 20.98
N PRO B 230 -8.23 1.34 20.10
CA PRO B 230 -8.74 -0.01 20.24
C PRO B 230 -8.05 -0.74 21.40
N VAL B 231 -8.81 -1.57 22.10
CA VAL B 231 -8.26 -2.43 23.13
C VAL B 231 -7.77 -3.70 22.45
N ILE B 232 -6.55 -4.11 22.80
CA ILE B 232 -6.05 -5.39 22.29
C ILE B 232 -6.30 -6.53 23.25
N LEU B 233 -7.23 -7.41 22.88
CA LEU B 233 -7.60 -8.55 23.70
C LEU B 233 -7.09 -9.82 23.01
N SER B 234 -5.80 -10.12 23.20
CA SER B 234 -5.16 -11.27 22.55
C SER B 234 -5.44 -12.58 23.28
N HIS B 235 -5.79 -13.62 22.55
CA HIS B 235 -5.87 -14.96 23.14
C HIS B 235 -4.55 -15.68 22.91
N GLY B 236 -4.27 -16.70 23.73
CA GLY B 236 -3.04 -17.46 23.61
C GLY B 236 -3.06 -18.44 22.44
N MET B 237 -1.89 -18.88 22.02
CA MET B 237 -1.79 -19.86 20.94
C MET B 237 -2.17 -21.24 21.48
N LEU B 238 -3.10 -21.91 20.83
CA LEU B 238 -3.33 -23.31 21.10
C LEU B 238 -2.11 -24.01 20.52
N PRO B 239 -1.43 -24.85 21.33
CA PRO B 239 -0.19 -25.50 20.91
C PRO B 239 -0.47 -26.69 19.97
N GLY B 240 0.55 -27.08 19.21
CA GLY B 240 0.44 -28.25 18.34
C GLY B 240 0.60 -29.55 19.11
N LEU B 241 0.25 -30.65 18.44
CA LEU B 241 0.19 -31.97 19.06
C LEU B 241 1.51 -32.50 19.57
N LEU B 242 2.60 -32.10 18.93
CA LEU B 242 3.91 -32.66 19.25
C LEU B 242 4.72 -31.71 20.11
N GLU B 243 5.67 -32.29 20.85
CA GLU B 243 6.49 -31.53 21.76
C GLU B 243 7.26 -30.43 21.03
N GLY B 244 7.32 -29.25 21.65
CA GLY B 244 8.01 -28.13 21.05
C GLY B 244 7.17 -27.35 20.05
N GLN B 245 5.98 -27.85 19.69
CA GLN B 245 5.10 -27.09 18.79
C GLN B 245 4.26 -26.06 19.56
N GLU B 246 4.75 -24.82 19.61
CA GLU B 246 4.09 -23.77 20.39
C GLU B 246 2.77 -23.33 19.77
N LYS B 247 2.63 -23.59 18.48
CA LYS B 247 1.49 -23.05 17.72
C LYS B 247 0.93 -24.09 16.78
N MET B 248 -0.27 -24.59 17.10
CA MET B 248 -0.98 -25.43 16.15
C MET B 248 -1.15 -24.64 14.86
N SER B 249 -0.80 -25.25 13.73
CA SER B 249 -1.02 -24.60 12.45
C SER B 249 -0.75 -25.53 11.28
N LYS B 250 -1.19 -25.10 10.11
CA LYS B 250 -0.98 -25.81 8.86
C LYS B 250 0.50 -25.85 8.44
N SER B 251 1.29 -24.88 8.87
CA SER B 251 2.68 -24.78 8.45
C SER B 251 3.63 -25.56 9.36
N ASP B 252 3.09 -26.06 10.47
CA ASP B 252 3.81 -26.99 11.34
C ASP B 252 3.30 -28.40 11.06
N GLU B 253 4.06 -29.17 10.30
CA GLU B 253 3.69 -30.52 9.93
C GLU B 253 3.22 -31.31 11.15
N ASN B 254 2.04 -31.94 11.04
CA ASN B 254 1.56 -32.85 12.08
C ASN B 254 1.21 -32.20 13.42
N SER B 255 0.94 -30.90 13.41
CA SER B 255 0.67 -30.21 14.67
C SER B 255 -0.82 -30.10 14.98
N ALA B 256 -1.64 -30.21 13.94
CA ALA B 256 -3.04 -29.75 14.00
C ALA B 256 -4.11 -30.83 14.00
N ILE B 257 -5.18 -30.58 14.74
CA ILE B 257 -6.41 -31.31 14.56
C ILE B 257 -7.31 -30.40 13.73
N PHE B 258 -7.87 -30.92 12.65
CA PHE B 258 -8.70 -30.09 11.78
C PHE B 258 -10.19 -30.30 12.03
N MET B 259 -10.98 -29.30 11.66
CA MET B 259 -12.42 -29.29 11.92
C MET B 259 -13.15 -30.41 11.18
N ASP B 260 -12.51 -30.95 10.15
CA ASP B 260 -13.09 -32.05 9.37
C ASP B 260 -12.49 -33.41 9.73
N ASP B 261 -11.63 -33.46 10.74
CA ASP B 261 -11.05 -34.73 11.16
C ASP B 261 -12.12 -35.66 11.70
N SER B 262 -12.07 -36.92 11.29
CA SER B 262 -13.04 -37.90 11.76
C SER B 262 -12.73 -38.29 13.20
N GLU B 263 -13.66 -39.02 13.80
CA GLU B 263 -13.52 -39.47 15.18
C GLU B 263 -12.24 -40.26 15.35
N SER B 264 -11.97 -41.20 14.43
CA SER B 264 -10.77 -42.02 14.54
C SER B 264 -9.51 -41.20 14.25
N ASP B 265 -9.62 -40.21 13.36
CA ASP B 265 -8.55 -39.24 13.14
C ASP B 265 -8.12 -38.54 14.44
N VAL B 266 -9.10 -37.97 15.14
CA VAL B 266 -8.86 -37.26 16.40
C VAL B 266 -8.24 -38.21 17.44
N ASN B 267 -8.81 -39.40 17.58
CA ASN B 267 -8.28 -40.42 18.50
C ASN B 267 -6.84 -40.73 18.17
N ARG B 268 -6.54 -40.87 16.89
CA ARG B 268 -5.20 -41.22 16.44
C ARG B 268 -4.20 -40.09 16.71
N LYS B 269 -4.59 -38.86 16.43
CA LYS B 269 -3.70 -37.73 16.67
C LYS B 269 -3.50 -37.47 18.16
N ILE B 270 -4.57 -37.60 18.94
CA ILE B 270 -4.42 -37.44 20.39
C ILE B 270 -3.49 -38.49 20.98
N LYS B 271 -3.70 -39.76 20.62
CA LYS B 271 -2.87 -40.85 21.13
C LYS B 271 -1.38 -40.63 20.84
N LYS B 272 -1.10 -39.91 19.76
CA LYS B 272 0.28 -39.71 19.32
C LYS B 272 0.83 -38.39 19.87
N ALA B 273 0.00 -37.66 20.63
CA ALA B 273 0.39 -36.34 21.07
C ALA B 273 1.31 -36.36 22.28
N TYR B 274 2.03 -35.26 22.47
CA TYR B 274 2.91 -35.10 23.60
C TYR B 274 2.08 -34.82 24.85
N CYS B 275 2.21 -35.66 25.87
CA CYS B 275 1.51 -35.48 27.12
C CYS B 275 2.38 -36.07 28.23
N PRO B 276 3.39 -35.30 28.68
CA PRO B 276 4.38 -35.75 29.66
C PRO B 276 3.74 -36.01 31.02
N PRO B 277 4.15 -37.09 31.71
CA PRO B 277 3.59 -37.47 33.01
C PRO B 277 3.78 -36.39 34.07
N ASN B 278 2.72 -36.07 34.79
CA ASN B 278 2.73 -35.08 35.88
C ASN B 278 3.44 -33.75 35.60
N VAL B 279 3.39 -33.32 34.36
CA VAL B 279 3.92 -32.02 33.96
C VAL B 279 2.93 -31.32 33.04
N ILE B 280 2.68 -30.04 33.32
CA ILE B 280 1.69 -29.27 32.58
C ILE B 280 2.31 -28.31 31.57
N GLU B 281 3.51 -27.82 31.87
CA GLU B 281 4.15 -26.82 31.01
C GLU B 281 4.47 -27.44 29.65
N ASN B 282 4.06 -26.77 28.58
CA ASN B 282 4.32 -27.27 27.23
C ASN B 282 3.59 -28.58 26.90
N ASN B 283 2.55 -28.89 27.66
CA ASN B 283 1.77 -30.10 27.43
C ASN B 283 0.51 -29.78 26.62
N PRO B 284 0.51 -30.09 25.30
CA PRO B 284 -0.62 -29.67 24.47
C PRO B 284 -1.94 -30.31 24.89
N ILE B 285 -1.90 -31.56 25.32
CA ILE B 285 -3.12 -32.24 25.78
C ILE B 285 -3.75 -31.51 26.97
N TYR B 286 -2.94 -31.12 27.94
CA TYR B 286 -3.45 -30.36 29.07
C TYR B 286 -4.00 -29.02 28.58
N ALA B 287 -3.30 -28.43 27.61
CA ALA B 287 -3.73 -27.15 27.05
C ALA B 287 -5.09 -27.25 26.38
N TYR B 288 -5.41 -28.39 25.77
CA TYR B 288 -6.73 -28.52 25.14
C TYR B 288 -7.81 -28.66 26.20
N ALA B 289 -7.49 -29.40 27.25
CA ALA B 289 -8.39 -29.55 28.39
C ALA B 289 -8.69 -28.18 28.99
N LYS B 290 -7.65 -27.39 29.12
CA LYS B 290 -7.73 -26.10 29.80
C LYS B 290 -8.40 -25.02 28.97
N SER B 291 -7.98 -24.89 27.71
CA SER B 291 -8.43 -23.76 26.89
C SER B 291 -9.67 -24.04 26.08
N ILE B 292 -9.98 -25.31 25.88
CA ILE B 292 -11.13 -25.65 25.05
C ILE B 292 -12.22 -26.36 25.83
N ILE B 293 -11.88 -27.46 26.47
CA ILE B 293 -12.87 -28.32 27.05
C ILE B 293 -13.46 -27.74 28.32
N PHE B 294 -12.61 -27.32 29.25
CA PHE B 294 -13.09 -26.68 30.47
C PHE B 294 -13.99 -25.45 30.22
N PRO B 295 -13.56 -24.51 29.36
CA PRO B 295 -14.44 -23.36 29.09
C PRO B 295 -15.74 -23.74 28.38
N SER B 296 -15.75 -24.85 27.65
CA SER B 296 -16.94 -25.29 26.93
C SER B 296 -17.96 -25.95 27.84
N TYR B 297 -17.45 -26.74 28.80
CA TYR B 297 -18.31 -27.56 29.67
C TYR B 297 -18.49 -26.97 31.06
N ASN B 298 -17.61 -26.02 31.40
CA ASN B 298 -17.62 -25.39 32.71
C ASN B 298 -17.30 -26.39 33.82
N GLU B 299 -17.01 -27.61 33.40
CA GLU B 299 -16.42 -28.60 34.28
C GLU B 299 -15.59 -29.51 33.39
N PHE B 300 -14.60 -30.17 33.95
CA PHE B 300 -13.95 -31.25 33.23
C PHE B 300 -14.30 -32.57 33.92
N ASN B 301 -15.03 -33.43 33.22
CA ASN B 301 -15.39 -34.70 33.81
C ASN B 301 -14.48 -35.81 33.35
N LEU B 302 -13.53 -36.16 34.21
CA LEU B 302 -12.57 -37.23 33.91
C LEU B 302 -13.22 -38.59 34.08
N VAL B 303 -13.53 -39.22 32.96
CA VAL B 303 -14.00 -40.60 32.96
C VAL B 303 -12.80 -41.56 32.95
N ARG B 304 -12.72 -42.45 33.95
CA ARG B 304 -11.59 -43.40 34.01
C ARG B 304 -11.99 -44.72 34.68
N LYS B 305 -11.32 -45.81 34.27
CA LYS B 305 -11.64 -47.13 34.79
C LYS B 305 -11.56 -47.15 36.30
N GLU B 306 -12.21 -48.16 36.87
CA GLU B 306 -12.06 -48.38 38.30
CA GLU B 306 -12.09 -48.48 38.28
C GLU B 306 -10.62 -48.78 38.59
N LYS B 307 -10.01 -49.52 37.67
CA LYS B 307 -8.59 -49.85 37.73
C LYS B 307 -7.76 -48.61 38.08
N ASN B 308 -8.25 -47.43 37.67
CA ASN B 308 -7.50 -46.18 37.80
C ASN B 308 -8.08 -45.09 38.69
N GLY B 309 -8.97 -45.46 39.60
CA GLY B 309 -9.58 -44.50 40.50
C GLY B 309 -10.99 -44.01 40.12
N GLY B 310 -11.54 -44.55 39.04
CA GLY B 310 -12.90 -44.22 38.64
C GLY B 310 -13.17 -42.76 38.30
N ASP B 311 -14.33 -42.48 37.70
CA ASP B 311 -14.69 -41.13 37.26
C ASP B 311 -14.49 -40.08 38.36
N LYS B 312 -14.12 -38.87 37.94
CA LYS B 312 -13.99 -37.72 38.83
C LYS B 312 -14.25 -36.45 38.04
N THR B 313 -15.02 -35.55 38.65
CA THR B 313 -15.35 -34.29 38.00
C THR B 313 -14.51 -33.16 38.59
N TYR B 314 -13.81 -32.45 37.72
CA TYR B 314 -13.03 -31.30 38.14
C TYR B 314 -13.84 -30.03 37.91
N TYR B 315 -14.30 -29.44 39.00
CA TYR B 315 -15.14 -28.25 38.92
C TYR B 315 -14.30 -26.99 38.71
N THR B 316 -13.00 -27.12 38.91
CA THR B 316 -12.09 -25.99 38.80
C THR B 316 -10.76 -26.39 38.12
N LEU B 317 -10.15 -25.44 37.42
CA LEU B 317 -8.87 -25.69 36.76
C LEU B 317 -7.74 -25.98 37.74
N GLN B 318 -7.84 -25.40 38.93
CA GLN B 318 -6.81 -25.57 39.95
C GLN B 318 -6.76 -27.00 40.47
N GLU B 319 -7.94 -27.61 40.63
CA GLU B 319 -8.04 -28.99 41.07
C GLU B 319 -7.48 -29.93 39.99
N LEU B 320 -7.76 -29.58 38.74
CA LEU B 320 -7.31 -30.35 37.60
C LEU B 320 -5.79 -30.33 37.51
N GLU B 321 -5.21 -29.14 37.57
CA GLU B 321 -3.76 -29.00 37.53
C GLU B 321 -3.13 -29.81 38.64
N HIS B 322 -3.81 -29.80 39.79
CA HIS B 322 -3.25 -30.42 40.99
C HIS B 322 -3.17 -31.93 40.87
N ASP B 323 -4.25 -32.53 40.38
CA ASP B 323 -4.32 -33.97 40.24
C ASP B 323 -3.42 -34.46 39.11
N TYR B 324 -3.18 -33.60 38.13
CA TYR B 324 -2.30 -34.00 37.06
C TYR B 324 -0.83 -33.93 37.51
N VAL B 325 -0.42 -32.76 37.99
CA VAL B 325 0.97 -32.52 38.41
C VAL B 325 1.45 -33.52 39.46
N ASN B 326 0.53 -34.11 40.21
CA ASN B 326 0.90 -35.06 41.25
C ASN B 326 0.63 -36.52 40.90
N GLY B 327 0.33 -36.80 39.63
CA GLY B 327 0.24 -38.17 39.16
C GLY B 327 -1.04 -38.88 39.51
N PHE B 328 -2.01 -38.14 40.04
CA PHE B 328 -3.33 -38.72 40.29
C PHE B 328 -4.05 -39.00 38.97
N ILE B 329 -3.82 -38.16 37.98
CA ILE B 329 -4.32 -38.39 36.63
C ILE B 329 -3.21 -38.91 35.73
N HIS B 330 -3.38 -40.14 35.25
CA HIS B 330 -2.49 -40.71 34.25
C HIS B 330 -2.64 -39.90 32.96
N PRO B 331 -1.60 -39.91 32.12
CA PRO B 331 -1.63 -39.25 30.82
C PRO B 331 -2.64 -39.92 29.88
N LEU B 332 -2.64 -41.25 29.86
CA LEU B 332 -3.61 -42.02 29.08
C LEU B 332 -5.04 -41.53 29.35
N ASP B 333 -5.35 -41.32 30.62
CA ASP B 333 -6.68 -40.86 31.01
C ASP B 333 -6.94 -39.42 30.57
N LEU B 334 -5.91 -38.59 30.67
CA LEU B 334 -6.08 -37.22 30.19
C LEU B 334 -6.31 -37.26 28.69
N LYS B 335 -5.49 -38.04 27.97
CA LYS B 335 -5.64 -38.21 26.52
C LYS B 335 -7.03 -38.72 26.13
N ASP B 336 -7.43 -39.86 26.66
CA ASP B 336 -8.71 -40.45 26.31
C ASP B 336 -9.86 -39.46 26.45
N ASN B 337 -9.94 -38.81 27.60
CA ASN B 337 -10.98 -37.82 27.82
C ASN B 337 -10.87 -36.60 26.90
N VAL B 338 -9.65 -36.09 26.71
CA VAL B 338 -9.46 -34.96 25.79
C VAL B 338 -9.98 -35.32 24.40
N ALA B 339 -9.61 -36.51 23.92
CA ALA B 339 -10.10 -37.02 22.62
C ALA B 339 -11.63 -37.07 22.55
N MET B 340 -12.23 -37.62 23.61
CA MET B 340 -13.69 -37.79 23.65
C MET B 340 -14.41 -36.44 23.52
N TYR B 341 -14.06 -35.52 24.40
CA TYR B 341 -14.65 -34.19 24.35
C TYR B 341 -14.41 -33.46 23.02
N ILE B 342 -13.24 -33.61 22.43
CA ILE B 342 -12.97 -32.91 21.18
C ILE B 342 -13.85 -33.49 20.10
N ASN B 343 -14.03 -34.80 20.12
CA ASN B 343 -14.98 -35.43 19.22
C ASN B 343 -16.42 -34.93 19.42
N LYS B 344 -16.87 -34.87 20.68
CA LYS B 344 -18.21 -34.36 20.97
C LYS B 344 -18.35 -32.93 20.47
N LEU B 345 -17.32 -32.12 20.67
CA LEU B 345 -17.38 -30.73 20.25
C LEU B 345 -17.38 -30.61 18.71
N LEU B 346 -16.77 -31.57 18.03
CA LEU B 346 -16.70 -31.52 16.59
C LEU B 346 -17.97 -32.09 15.95
N GLN B 347 -18.74 -32.85 16.72
CA GLN B 347 -19.89 -33.57 16.15
C GLN B 347 -20.92 -32.72 15.36
N PRO B 348 -21.30 -31.54 15.89
CA PRO B 348 -22.23 -30.68 15.16
C PRO B 348 -21.69 -30.29 13.78
N VAL B 349 -20.39 -30.04 13.71
CA VAL B 349 -19.75 -29.70 12.45
C VAL B 349 -19.80 -30.90 11.50
N ARG B 350 -19.40 -32.07 11.99
CA ARG B 350 -19.50 -33.29 11.21
C ARG B 350 -20.92 -33.51 10.69
N ASP B 351 -21.89 -33.36 11.59
CA ASP B 351 -23.28 -33.58 11.24
C ASP B 351 -23.68 -32.68 10.08
N HIS B 352 -23.29 -31.40 10.18
CA HIS B 352 -23.61 -30.46 9.12
C HIS B 352 -22.99 -30.89 7.78
N PHE B 353 -21.70 -31.22 7.79
CA PHE B 353 -21.04 -31.62 6.55
C PHE B 353 -21.41 -33.03 6.05
N GLN B 354 -22.26 -33.73 6.79
CA GLN B 354 -22.76 -35.01 6.32
C GLN B 354 -24.19 -34.86 5.80
N ASN B 355 -24.97 -34.02 6.45
CA ASN B 355 -26.39 -33.91 6.13
C ASN B 355 -26.69 -32.84 5.10
N ASN B 356 -25.80 -31.87 4.99
CA ASN B 356 -25.95 -30.80 4.03
C ASN B 356 -25.06 -31.12 2.82
N ILE B 357 -25.66 -31.61 1.74
CA ILE B 357 -24.88 -32.07 0.60
C ILE B 357 -24.05 -30.97 -0.06
N GLU B 358 -24.58 -29.75 -0.04
CA GLU B 358 -23.85 -28.62 -0.59
C GLU B 358 -22.60 -28.28 0.22
N ALA B 359 -22.70 -28.42 1.54
CA ALA B 359 -21.56 -28.16 2.41
C ALA B 359 -20.52 -29.27 2.21
N LYS B 360 -21.03 -30.49 2.07
CA LYS B 360 -20.24 -31.68 1.85
C LYS B 360 -19.38 -31.53 0.59
N ASN B 361 -20.02 -31.09 -0.48
CA ASN B 361 -19.36 -30.82 -1.75
C ASN B 361 -18.30 -29.73 -1.63
N LEU B 362 -18.60 -28.69 -0.86
CA LEU B 362 -17.67 -27.60 -0.62
C LEU B 362 -16.42 -28.12 0.06
N LEU B 363 -16.63 -28.88 1.14
CA LEU B 363 -15.54 -29.49 1.86
C LEU B 363 -14.73 -30.34 0.89
N ASN B 364 -15.45 -31.09 0.05
CA ASN B 364 -14.80 -31.96 -0.91
C ASN B 364 -13.88 -31.19 -1.85
N GLU B 365 -14.38 -30.09 -2.42
CA GLU B 365 -13.56 -29.29 -3.35
C GLU B 365 -12.37 -28.71 -2.60
N ILE B 366 -12.62 -28.22 -1.39
CA ILE B 366 -11.59 -27.62 -0.55
C ILE B 366 -10.40 -28.55 -0.31
N LYS B 367 -10.68 -29.81 0.02
CA LYS B 367 -9.62 -30.74 0.35
C LYS B 367 -8.68 -30.96 -0.84
N LYS B 368 -9.23 -30.87 -2.04
CA LYS B 368 -8.45 -31.00 -3.27
C LYS B 368 -7.32 -29.97 -3.45
N TYR B 369 -7.39 -28.84 -2.75
CA TYR B 369 -6.40 -27.78 -2.99
C TYR B 369 -5.01 -28.08 -2.45
N LYS B 370 -4.01 -27.45 -3.08
CA LYS B 370 -2.63 -27.49 -2.58
C LYS B 370 -2.34 -26.22 -1.82
N VAL B 371 -1.88 -26.39 -0.58
CA VAL B 371 -1.67 -25.30 0.35
C VAL B 371 -0.38 -24.57 0.05
N THR B 372 -0.51 -23.42 -0.62
CA THR B 372 0.63 -22.61 -1.03
C THR B 372 1.01 -21.67 0.11
N LYS B 373 2.28 -21.29 0.18
CA LYS B 373 2.74 -20.41 1.26
C LYS B 373 3.03 -19.00 0.76
N TYR C . 6.68 10.85 -9.15
CA TYR C . 6.49 12.06 -9.95
C TYR C . 7.41 13.21 -9.52
O TYR C . 7.12 13.64 -8.21
CB TYR C . 5.01 12.48 -9.98
CG TYR C . 4.20 11.24 -10.65
CD1 TYR C . 4.37 11.00 -12.12
CD2 TYR C . 3.39 10.42 -9.89
CE1 TYR C . 3.70 9.94 -12.71
CE2 TYR C . 2.68 9.27 -10.53
CZ TYR C . 2.83 9.04 -11.89
OH TYR C . 2.15 7.90 -12.56
P AMP D . 7.53 15.83 -10.13
O1P AMP D . 6.17 16.56 -9.58
O2P AMP D . 8.61 15.98 -9.17
O3P AMP D . 7.21 14.24 -10.44
O5' AMP D . 7.92 16.44 -11.63
C5' AMP D . 6.91 16.40 -12.62
C4' AMP D . 7.53 16.08 -13.99
O4' AMP D . 8.41 17.19 -14.34
C3' AMP D . 8.38 14.79 -13.99
O3' AMP D . 8.37 14.20 -15.26
C2' AMP D . 9.76 15.32 -13.78
O2' AMP D . 10.76 14.46 -14.29
C1' AMP D . 9.73 16.64 -14.51
N9 AMP D . 10.71 17.50 -13.93
C8 AMP D . 10.81 17.97 -12.52
N7 AMP D . 11.98 18.82 -12.44
C5 AMP D . 12.59 18.88 -13.77
C6 AMP D . 13.80 19.56 -14.32
N6 AMP D . 14.60 20.40 -13.45
N1 AMP D . 14.17 19.41 -15.72
C2 AMP D . 13.35 18.59 -16.63
N3 AMP D . 12.13 17.89 -16.09
C4 AMP D . 11.80 18.05 -14.69
N TYR E . -2.89 -11.48 9.33
CA TYR E . -3.89 -12.40 9.85
C TYR E . -3.28 -13.81 9.96
O TYR E . -2.91 -14.26 8.69
CB TYR E . -5.19 -12.40 9.02
CG TYR E . -5.82 -11.02 9.17
CD1 TYR E . -6.41 -10.65 10.43
CD2 TYR E . -5.82 -10.04 8.06
CE1 TYR E . -6.99 -9.34 10.57
CE2 TYR E . -6.39 -8.78 8.21
CZ TYR E . -7.00 -8.41 9.54
OH TYR E . -7.61 -7.09 9.71
P AMP F . -4.27 -16.26 10.35
O1P AMP F . -5.15 -16.74 9.05
O2P AMP F . -2.90 -16.77 10.32
O3P AMP F . -4.32 -14.62 10.42
O5' AMP F . -5.10 -16.71 11.69
C5' AMP F . -6.36 -16.11 11.85
C4' AMP F . -6.66 -15.97 13.35
O4' AMP F . -6.49 -17.31 13.94
C3' AMP F . -5.65 -15.03 14.04
O3' AMP F . -6.26 -14.29 15.06
C2' AMP F . -4.67 -15.99 14.64
O2' AMP F . -3.94 -15.45 15.72
C1' AMP F . -5.57 -17.14 15.06
N9 AMP F . -4.79 -18.34 15.22
C8 AMP F . -4.03 -19.05 14.16
N7 AMP F . -3.39 -20.22 14.78
C5 AMP F . -3.76 -20.23 16.19
C6 AMP F . -3.41 -21.16 17.30
N6 AMP F . -2.55 -22.30 17.04
N1 AMP F . -3.94 -20.91 18.64
C2 AMP F . -4.80 -19.75 18.92
N3 AMP F . -5.16 -18.81 17.79
C4 AMP F . -4.63 -19.07 16.47
#